data_6Q8P
#
_entry.id   6Q8P
#
_cell.length_a   56.791
_cell.length_b   117.553
_cell.length_c   91.911
_cell.angle_alpha   90.00
_cell.angle_beta   99.00
_cell.angle_gamma   90.00
#
_symmetry.space_group_name_H-M   'P 1 21 1'
#
loop_
_entity.id
_entity.type
_entity.pdbx_description
1 polymer 'Dual specificity protein kinase CLK1'
2 non-polymer ~{N}-methyl-10-nitro-pyrido[3,4-g]quinazolin-2-amine
3 non-polymer 'POTASSIUM ION'
4 water water
#
_entity_poly.entity_id   1
_entity_poly.type   'polypeptide(L)'
_entity_poly.pdbx_seq_one_letter_code
;SMHLICQSGDVLSARYEIVDTLGEGAFGKVVECIDHKAGGRHVAVKIVKNVDRYCEAARSEIQVLEHLNTTDPNSTFRCV
QMLEWFEHHGHICIVFELLGLSTYDFIKENGFLPFRLDHIRKMAYQICKSVNFLHSNKLTHTDLKPENILFVQSDYTEAY
NPKIKRDERTLINPDIKVVDFGSATYDDEHHSTLVSTRHYRAPEVILALGWSQPCDVWSIGCILIEYYLGFTVFPTHDSK
EHLAMMERILGPLPKHMIQKTRKRKYFHHDRLDWDEHSSAGRYVSRACKPLKEFMLSQDVEHERLFDLIQKMLEYDPAKR
ITLREALKHPFFDLLKKSI
;
_entity_poly.pdbx_strand_id   A,B,C
#
loop_
_chem_comp.id
_chem_comp.type
_chem_comp.name
_chem_comp.formula
HQB non-polymer ~{N}-methyl-10-nitro-pyrido[3,4-g]quinazolin-2-amine 'C12 H9 N5 O2'
K non-polymer 'POTASSIUM ION' 'K 1'
#
# COMPACT_ATOMS: atom_id res chain seq x y z
N SER A 1 8.48 -17.28 27.65
CA SER A 1 8.31 -16.60 28.94
C SER A 1 7.20 -17.22 29.75
N MET A 2 6.11 -17.58 29.07
CA MET A 2 4.91 -18.05 29.75
C MET A 2 4.75 -19.57 29.72
N HIS A 3 5.23 -20.23 28.66
CA HIS A 3 4.98 -21.66 28.50
C HIS A 3 5.54 -22.50 29.65
N LEU A 4 6.27 -21.89 30.59
CA LEU A 4 6.94 -22.63 31.63
C LEU A 4 6.20 -22.64 32.96
N ILE A 5 5.16 -21.81 33.11
CA ILE A 5 4.47 -21.69 34.39
C ILE A 5 3.00 -22.11 34.30
N CYS A 6 2.59 -22.69 33.16
CA CYS A 6 1.20 -23.10 32.97
C CYS A 6 1.17 -24.52 32.41
N GLN A 7 1.73 -25.44 33.18
CA GLN A 7 1.80 -26.85 32.81
C GLN A 7 0.91 -27.67 33.72
N SER A 8 0.41 -28.78 33.19
CA SER A 8 -0.46 -29.64 33.96
C SER A 8 0.29 -30.14 35.19
N GLY A 9 -0.20 -29.77 36.36
CA GLY A 9 0.41 -30.15 37.62
C GLY A 9 0.90 -28.97 38.43
N ASP A 10 1.12 -27.83 37.81
CA ASP A 10 1.53 -26.64 38.56
C ASP A 10 0.42 -26.21 39.49
N VAL A 11 0.81 -25.58 40.59
CA VAL A 11 -0.13 -25.11 41.61
C VAL A 11 0.11 -23.63 41.83
N LEU A 12 -0.92 -22.83 41.59
CA LEU A 12 -0.82 -21.37 41.68
C LEU A 12 -1.41 -20.89 42.99
N SER A 13 -0.72 -19.95 43.64
CA SER A 13 -1.17 -19.34 44.88
C SER A 13 -1.43 -20.40 45.95
N ALA A 14 -0.73 -21.53 45.87
CA ALA A 14 -0.89 -22.64 46.81
C ALA A 14 -2.34 -23.10 46.87
N ARG A 15 -3.07 -22.94 45.77
CA ARG A 15 -4.50 -23.22 45.78
C ARG A 15 -4.94 -24.00 44.56
N TYR A 16 -4.81 -23.41 43.38
CA TYR A 16 -5.37 -23.97 42.16
C TYR A 16 -4.36 -24.85 41.44
N GLU A 17 -4.78 -26.07 41.08
CA GLU A 17 -3.93 -27.02 40.36
C GLU A 17 -4.38 -27.08 38.90
N ILE A 18 -3.45 -26.79 37.98
CA ILE A 18 -3.77 -26.74 36.56
C ILE A 18 -4.11 -28.14 36.04
N VAL A 19 -5.14 -28.21 35.19
CA VAL A 19 -5.58 -29.46 34.60
C VAL A 19 -5.21 -29.48 33.12
N ASP A 20 -5.89 -28.65 32.33
CA ASP A 20 -5.62 -28.55 30.90
C ASP A 20 -5.80 -27.10 30.46
N THR A 21 -5.53 -26.85 29.18
CA THR A 21 -5.61 -25.51 28.62
C THR A 21 -6.94 -25.32 27.90
N LEU A 22 -7.58 -24.19 28.15
CA LEU A 22 -8.86 -23.87 27.54
C LEU A 22 -8.73 -23.01 26.31
N GLY A 23 -7.69 -22.19 26.22
CA GLY A 23 -7.51 -21.36 25.05
C GLY A 23 -6.27 -20.51 25.13
N GLU A 24 -5.61 -20.29 23.99
CA GLU A 24 -4.43 -19.47 23.90
C GLU A 24 -4.73 -18.19 23.13
N GLY A 25 -3.80 -17.25 23.22
CA GLY A 25 -3.94 -15.99 22.51
C GLY A 25 -2.71 -15.13 22.70
N ALA A 26 -2.84 -13.87 22.35
CA ALA A 26 -1.73 -12.94 22.55
C ALA A 26 -1.72 -12.37 23.97
N PHE A 27 -2.89 -12.27 24.59
CA PHE A 27 -2.98 -11.80 25.96
C PHE A 27 -2.39 -12.80 26.95
N GLY A 28 -2.34 -14.07 26.61
CA GLY A 28 -1.99 -15.13 27.51
C GLY A 28 -2.94 -16.28 27.29
N LYS A 29 -2.94 -17.21 28.23
CA LYS A 29 -3.77 -18.40 28.11
C LYS A 29 -4.76 -18.49 29.27
N VAL A 30 -5.79 -19.30 29.07
CA VAL A 30 -6.80 -19.60 30.09
C VAL A 30 -6.72 -21.08 30.38
N VAL A 31 -6.58 -21.43 31.65
CA VAL A 31 -6.39 -22.82 32.06
C VAL A 31 -7.48 -23.21 33.06
N GLU A 32 -7.87 -24.47 32.99
CA GLU A 32 -8.83 -25.03 33.93
C GLU A 32 -8.08 -25.58 35.15
N CYS A 33 -8.46 -25.14 36.34
CA CYS A 33 -7.72 -25.45 37.56
C CYS A 33 -8.63 -26.11 38.59
N ILE A 34 -8.05 -27.05 39.34
CA ILE A 34 -8.73 -27.60 40.51
C ILE A 34 -8.49 -26.70 41.71
N ASP A 35 -9.56 -26.11 42.23
CA ASP A 35 -9.47 -25.34 43.46
C ASP A 35 -9.43 -26.31 44.64
N HIS A 36 -8.30 -26.36 45.34
CA HIS A 36 -8.14 -27.30 46.44
C HIS A 36 -8.61 -26.75 47.77
N LYS A 37 -8.75 -25.44 47.90
CA LYS A 37 -9.34 -24.82 49.07
C LYS A 37 -10.84 -24.67 48.95
N ALA A 38 -11.47 -25.46 48.08
CA ALA A 38 -12.92 -25.38 47.89
C ALA A 38 -13.46 -26.75 47.50
N GLY A 39 -12.88 -27.81 48.06
CA GLY A 39 -13.39 -29.14 47.87
C GLY A 39 -13.05 -29.80 46.56
N GLY A 40 -12.44 -29.08 45.62
CA GLY A 40 -12.16 -29.60 44.31
C GLY A 40 -12.92 -28.95 43.17
N ARG A 41 -13.62 -27.86 43.43
CA ARG A 41 -14.33 -27.13 42.40
C ARG A 41 -13.39 -26.77 41.26
N HIS A 42 -13.72 -27.22 40.06
CA HIS A 42 -12.96 -26.79 38.89
C HIS A 42 -13.28 -25.34 38.57
N VAL A 43 -12.27 -24.59 38.17
CA VAL A 43 -12.40 -23.18 37.85
C VAL A 43 -11.59 -22.89 36.59
N ALA A 44 -11.58 -21.62 36.19
CA ALA A 44 -10.78 -21.15 35.06
C ALA A 44 -9.92 -19.99 35.53
N VAL A 45 -8.65 -20.00 35.12
CA VAL A 45 -7.72 -18.94 35.47
C VAL A 45 -7.11 -18.39 34.19
N LYS A 46 -7.14 -17.11 34.08
CA LYS A 46 -6.51 -16.42 32.96
C LYS A 46 -5.17 -15.83 33.40
N ILE A 47 -4.12 -16.20 32.66
CA ILE A 47 -2.75 -15.85 33.00
C ILE A 47 -2.28 -14.82 31.98
N VAL A 48 -2.31 -13.54 32.36
CA VAL A 48 -2.04 -12.48 31.40
C VAL A 48 -0.56 -12.41 31.08
N LYS A 49 -0.24 -12.35 29.79
CA LYS A 49 1.14 -12.18 29.36
C LYS A 49 1.74 -10.92 29.99
N ASN A 50 3.02 -10.97 30.29
CA ASN A 50 3.70 -9.86 30.95
C ASN A 50 4.07 -8.80 29.92
N VAL A 51 3.03 -8.10 29.47
CA VAL A 51 3.17 -7.01 28.50
C VAL A 51 2.35 -5.83 29.00
N ASP A 52 2.86 -4.62 28.77
CA ASP A 52 2.16 -3.43 29.26
C ASP A 52 0.79 -3.28 28.62
N ARG A 53 0.62 -3.70 27.36
CA ARG A 53 -0.69 -3.63 26.74
C ARG A 53 -1.67 -4.54 27.45
N TYR A 54 -1.24 -5.75 27.81
CA TYR A 54 -2.13 -6.72 28.40
C TYR A 54 -2.17 -6.65 29.92
N CYS A 55 -1.10 -6.19 30.56
CA CYS A 55 -1.16 -5.99 32.01
C CYS A 55 -2.13 -4.86 32.35
N GLU A 56 -2.14 -3.80 31.56
CA GLU A 56 -3.07 -2.70 31.81
C GLU A 56 -4.50 -3.11 31.46
N ALA A 57 -4.67 -3.91 30.41
CA ALA A 57 -6.00 -4.39 30.05
C ALA A 57 -6.58 -5.25 31.16
N ALA A 58 -5.79 -6.16 31.73
CA ALA A 58 -6.26 -6.94 32.86
C ALA A 58 -6.65 -6.03 34.01
N ARG A 59 -5.93 -4.94 34.21
CA ARG A 59 -6.28 -4.02 35.28
C ARG A 59 -7.56 -3.27 34.95
N SER A 60 -7.80 -2.98 33.67
CA SER A 60 -9.04 -2.33 33.29
C SER A 60 -10.22 -3.29 33.39
N GLU A 61 -9.96 -4.58 33.23
CA GLU A 61 -11.02 -5.58 33.32
C GLU A 61 -11.42 -5.86 34.75
N ILE A 62 -10.45 -6.00 35.65
CA ILE A 62 -10.75 -6.29 37.05
C ILE A 62 -11.66 -5.21 37.63
N GLN A 63 -11.44 -3.96 37.24
CA GLN A 63 -12.32 -2.88 37.70
C GLN A 63 -13.74 -3.10 37.20
N VAL A 64 -13.89 -3.26 35.88
CA VAL A 64 -15.21 -3.41 35.28
C VAL A 64 -15.95 -4.58 35.90
N LEU A 65 -15.27 -5.71 36.06
CA LEU A 65 -15.90 -6.88 36.65
C LEU A 65 -16.14 -6.74 38.14
N GLU A 66 -15.59 -5.72 38.79
CA GLU A 66 -15.99 -5.44 40.17
C GLU A 66 -17.28 -4.63 40.20
N HIS A 67 -17.43 -3.70 39.27
CA HIS A 67 -18.66 -2.95 39.14
C HIS A 67 -19.81 -3.87 38.74
N LEU A 68 -19.56 -4.73 37.75
CA LEU A 68 -20.65 -5.52 37.19
C LEU A 68 -21.05 -6.70 38.09
N ASN A 69 -20.17 -7.12 38.99
CA ASN A 69 -20.56 -8.16 39.93
C ASN A 69 -21.20 -7.59 41.19
N THR A 70 -20.88 -6.34 41.53
CA THR A 70 -21.61 -5.67 42.60
C THR A 70 -23.02 -5.36 42.15
N THR A 71 -23.17 -4.68 41.01
CA THR A 71 -24.49 -4.30 40.53
C THR A 71 -25.38 -5.51 40.28
N ASP A 72 -24.78 -6.64 39.92
CA ASP A 72 -25.51 -7.88 39.65
C ASP A 72 -24.83 -9.02 40.39
N PRO A 73 -25.16 -9.20 41.67
CA PRO A 73 -24.54 -10.29 42.42
C PRO A 73 -24.99 -11.68 42.00
N ASN A 74 -26.04 -11.80 41.20
CA ASN A 74 -26.58 -13.10 40.82
C ASN A 74 -26.30 -13.48 39.39
N SER A 75 -25.71 -12.58 38.59
CA SER A 75 -25.47 -12.81 37.17
C SER A 75 -26.79 -12.97 36.42
N THR A 76 -27.75 -12.10 36.75
CA THR A 76 -29.02 -12.12 36.04
C THR A 76 -28.86 -11.73 34.58
N PHE A 77 -27.98 -10.77 34.31
CA PHE A 77 -27.71 -10.35 32.94
C PHE A 77 -26.52 -11.06 32.33
N ARG A 78 -26.06 -12.15 32.94
CA ARG A 78 -25.25 -13.17 32.27
C ARG A 78 -23.85 -12.67 31.89
N CYS A 79 -23.26 -11.81 32.72
CA CYS A 79 -21.82 -11.59 32.62
C CYS A 79 -21.08 -12.66 33.41
N VAL A 80 -19.86 -12.95 32.98
CA VAL A 80 -19.07 -13.97 33.67
C VAL A 80 -18.70 -13.45 35.06
N GLN A 81 -18.69 -14.36 36.04
CA GLN A 81 -18.40 -13.98 37.41
C GLN A 81 -16.92 -14.17 37.71
N MET A 82 -16.26 -13.08 38.08
CA MET A 82 -14.90 -13.13 38.57
C MET A 82 -14.89 -13.43 40.06
N LEU A 83 -13.94 -14.24 40.48
CA LEU A 83 -13.88 -14.71 41.86
C LEU A 83 -12.73 -14.13 42.66
N GLU A 84 -11.57 -13.94 42.05
CA GLU A 84 -10.36 -13.54 42.75
C GLU A 84 -9.31 -13.18 41.72
N TRP A 85 -8.33 -12.38 42.14
CA TRP A 85 -7.15 -12.12 41.32
C TRP A 85 -5.92 -12.02 42.20
N PHE A 86 -4.77 -12.34 41.61
CA PHE A 86 -3.50 -12.39 42.33
C PHE A 86 -2.36 -12.41 41.33
N GLU A 87 -1.18 -11.97 41.78
CA GLU A 87 0.02 -12.10 40.99
C GLU A 87 0.59 -13.51 41.12
N HIS A 88 1.30 -13.94 40.07
CA HIS A 88 1.97 -15.24 40.11
C HIS A 88 3.17 -15.19 39.18
N HIS A 89 4.37 -15.31 39.75
CA HIS A 89 5.62 -15.26 38.99
C HIS A 89 5.68 -14.01 38.13
N GLY A 90 5.12 -12.92 38.64
CA GLY A 90 5.10 -11.67 37.94
C GLY A 90 4.00 -11.55 36.89
N HIS A 91 3.02 -12.45 36.90
CA HIS A 91 1.94 -12.46 35.93
C HIS A 91 0.61 -12.26 36.65
N ILE A 92 -0.20 -11.34 36.14
CA ILE A 92 -1.54 -11.15 36.67
C ILE A 92 -2.40 -12.36 36.33
N CYS A 93 -3.21 -12.79 37.29
CA CYS A 93 -4.07 -13.95 37.10
C CYS A 93 -5.46 -13.63 37.61
N ILE A 94 -6.48 -13.94 36.80
CA ILE A 94 -7.87 -13.67 37.13
C ILE A 94 -8.62 -15.00 37.14
N VAL A 95 -9.43 -15.21 38.16
CA VAL A 95 -10.13 -16.47 38.37
C VAL A 95 -11.61 -16.25 38.08
N PHE A 96 -12.13 -17.02 37.12
CA PHE A 96 -13.53 -16.96 36.73
C PHE A 96 -14.22 -18.27 37.07
N GLU A 97 -15.54 -18.25 36.97
CA GLU A 97 -16.31 -19.49 37.03
C GLU A 97 -16.05 -20.30 35.77
N LEU A 98 -16.15 -21.62 35.89
CA LEU A 98 -15.84 -22.49 34.78
C LEU A 98 -17.06 -22.61 33.86
N LEU A 99 -16.90 -22.24 32.60
CA LEU A 99 -17.94 -22.32 31.58
C LEU A 99 -17.58 -23.40 30.56
N GLY A 100 -18.40 -23.51 29.54
CA GLY A 100 -18.19 -24.47 28.47
C GLY A 100 -17.48 -23.86 27.29
N LEU A 101 -17.57 -24.56 26.16
CA LEU A 101 -16.90 -24.10 24.95
C LEU A 101 -17.45 -22.75 24.52
N SER A 102 -16.58 -21.92 23.95
CA SER A 102 -17.04 -20.72 23.31
C SER A 102 -17.88 -21.08 22.10
N THR A 103 -18.80 -20.19 21.73
CA THR A 103 -19.66 -20.45 20.59
C THR A 103 -18.86 -20.63 19.31
N TYR A 104 -17.70 -19.98 19.21
CA TYR A 104 -16.84 -20.20 18.05
C TYR A 104 -16.28 -21.61 18.02
N ASP A 105 -15.73 -22.06 19.14
CA ASP A 105 -15.11 -23.38 19.18
C ASP A 105 -16.11 -24.49 18.92
N PHE A 106 -17.37 -24.32 19.35
CA PHE A 106 -18.38 -25.33 19.08
C PHE A 106 -18.63 -25.47 17.59
N ILE A 107 -18.79 -24.34 16.90
CA ILE A 107 -18.98 -24.38 15.45
C ILE A 107 -17.77 -25.02 14.77
N LYS A 108 -16.56 -24.71 15.25
CA LYS A 108 -15.36 -25.25 14.63
C LYS A 108 -15.30 -26.75 14.83
N GLU A 109 -15.46 -27.21 16.07
CA GLU A 109 -15.39 -28.64 16.33
C GLU A 109 -16.56 -29.40 15.72
N ASN A 110 -17.59 -28.71 15.28
CA ASN A 110 -18.73 -29.31 14.59
C ASN A 110 -18.64 -29.13 13.08
N GLY A 111 -17.43 -29.08 12.53
CA GLY A 111 -17.27 -29.01 11.10
C GLY A 111 -17.77 -27.74 10.45
N PHE A 112 -17.90 -26.66 11.21
CA PHE A 112 -18.40 -25.39 10.70
C PHE A 112 -19.77 -25.57 10.07
N LEU A 113 -20.72 -26.00 10.90
CA LEU A 113 -22.13 -26.10 10.62
C LEU A 113 -22.88 -25.09 11.46
N PRO A 114 -24.04 -24.62 11.00
CA PRO A 114 -24.75 -23.56 11.71
C PRO A 114 -25.58 -24.11 12.87
N PHE A 115 -26.09 -23.19 13.66
CA PHE A 115 -27.00 -23.50 14.76
C PHE A 115 -28.43 -23.56 14.26
N ARG A 116 -29.26 -24.31 14.99
CA ARG A 116 -30.69 -24.33 14.70
C ARG A 116 -31.32 -22.99 15.02
N LEU A 117 -32.39 -22.67 14.30
CA LEU A 117 -32.96 -21.32 14.39
C LEU A 117 -33.50 -21.04 15.78
N ASP A 118 -34.12 -22.02 16.42
CA ASP A 118 -34.62 -21.79 17.76
C ASP A 118 -33.48 -21.63 18.76
N HIS A 119 -32.36 -22.32 18.53
CA HIS A 119 -31.17 -22.08 19.35
C HIS A 119 -30.62 -20.68 19.10
N ILE A 120 -30.59 -20.25 17.85
CA ILE A 120 -30.13 -18.90 17.54
C ILE A 120 -31.01 -17.89 18.24
N ARG A 121 -32.32 -18.15 18.28
CA ARG A 121 -33.26 -17.20 18.86
C ARG A 121 -32.98 -17.01 20.35
N LYS A 122 -32.82 -18.11 21.09
CA LYS A 122 -32.54 -17.99 22.52
C LYS A 122 -31.18 -17.34 22.76
N MET A 123 -30.15 -17.76 22.01
CA MET A 123 -28.83 -17.19 22.19
C MET A 123 -28.81 -15.70 21.88
N ALA A 124 -29.46 -15.29 20.79
CA ALA A 124 -29.50 -13.87 20.45
C ALA A 124 -30.18 -13.04 21.53
N TYR A 125 -31.18 -13.60 22.21
CA TYR A 125 -31.87 -12.83 23.24
C TYR A 125 -30.97 -12.61 24.45
N GLN A 126 -30.30 -13.67 24.90
CA GLN A 126 -29.43 -13.54 26.06
C GLN A 126 -28.26 -12.60 25.78
N ILE A 127 -27.71 -12.65 24.57
CA ILE A 127 -26.66 -11.71 24.21
C ILE A 127 -27.16 -10.28 24.28
N CYS A 128 -28.34 -10.03 23.72
CA CYS A 128 -28.89 -8.68 23.73
C CYS A 128 -29.21 -8.24 25.14
N LYS A 129 -29.88 -9.09 25.92
CA LYS A 129 -30.20 -8.72 27.29
C LYS A 129 -28.94 -8.48 28.11
N SER A 130 -27.85 -9.16 27.76
CA SER A 130 -26.59 -9.01 28.49
C SER A 130 -25.87 -7.73 28.11
N VAL A 131 -25.67 -7.50 26.80
CA VAL A 131 -24.94 -6.31 26.37
C VAL A 131 -25.77 -5.06 26.62
N ASN A 132 -27.08 -5.16 26.54
CA ASN A 132 -27.93 -4.02 26.90
C ASN A 132 -27.80 -3.67 28.37
N PHE A 133 -27.46 -4.66 29.20
CA PHE A 133 -27.17 -4.36 30.60
C PHE A 133 -25.96 -3.46 30.71
N LEU A 134 -24.92 -3.72 29.92
CA LEU A 134 -23.75 -2.85 29.93
C LEU A 134 -24.08 -1.46 29.40
N HIS A 135 -24.91 -1.40 28.36
CA HIS A 135 -25.27 -0.11 27.77
C HIS A 135 -26.12 0.72 28.72
N SER A 136 -26.83 0.09 29.65
CA SER A 136 -27.57 0.83 30.66
C SER A 136 -26.64 1.43 31.70
N ASN A 137 -25.49 0.80 31.93
CA ASN A 137 -24.50 1.27 32.90
C ASN A 137 -23.36 2.05 32.24
N LYS A 138 -23.66 2.74 31.14
CA LYS A 138 -22.71 3.62 30.46
C LYS A 138 -21.44 2.88 30.05
N LEU A 139 -21.59 1.69 29.47
CA LEU A 139 -20.45 0.88 29.09
C LEU A 139 -20.60 0.38 27.67
N THR A 140 -19.47 0.00 27.06
CA THR A 140 -19.42 -0.55 25.72
C THR A 140 -18.38 -1.65 25.71
N HIS A 141 -18.72 -2.81 25.12
CA HIS A 141 -17.81 -3.95 25.15
C HIS A 141 -16.69 -3.80 24.12
N THR A 142 -17.03 -3.34 22.90
CA THR A 142 -16.10 -3.08 21.80
C THR A 142 -15.49 -4.33 21.18
N ASP A 143 -15.50 -5.45 21.89
CA ASP A 143 -14.91 -6.68 21.38
C ASP A 143 -15.89 -7.84 21.51
N LEU A 144 -17.00 -7.73 20.80
CA LEU A 144 -18.00 -8.80 20.78
C LEU A 144 -17.75 -9.69 19.58
N LYS A 145 -17.49 -10.97 19.82
CA LYS A 145 -17.22 -11.94 18.77
C LYS A 145 -17.60 -13.31 19.30
N PRO A 146 -17.74 -14.31 18.42
CA PRO A 146 -18.15 -15.63 18.90
C PRO A 146 -17.18 -16.26 19.88
N GLU A 147 -15.91 -15.86 19.88
CA GLU A 147 -14.97 -16.36 20.87
C GLU A 147 -15.24 -15.82 22.26
N ASN A 148 -16.06 -14.77 22.39
CA ASN A 148 -16.36 -14.20 23.69
C ASN A 148 -17.78 -14.50 24.18
N ILE A 149 -18.52 -15.31 23.45
CA ILE A 149 -19.82 -15.81 23.89
C ILE A 149 -19.61 -17.28 24.23
N LEU A 150 -19.69 -17.61 25.52
CA LEU A 150 -19.38 -18.94 26.00
C LEU A 150 -20.67 -19.63 26.47
N PHE A 151 -20.77 -20.92 26.15
CA PHE A 151 -21.87 -21.73 26.67
C PHE A 151 -21.68 -22.00 28.16
N VAL A 152 -22.75 -21.82 28.93
CA VAL A 152 -22.70 -22.20 30.34
C VAL A 152 -22.31 -23.67 30.47
N GLN A 153 -22.79 -24.51 29.56
CA GLN A 153 -22.32 -25.87 29.43
C GLN A 153 -22.53 -26.30 27.99
N SER A 154 -21.48 -26.86 27.39
CA SER A 154 -21.45 -27.15 25.97
C SER A 154 -21.75 -28.61 25.65
N ASP A 155 -22.41 -29.33 26.55
CA ASP A 155 -22.68 -30.74 26.33
C ASP A 155 -23.75 -30.92 25.25
N TYR A 156 -23.58 -31.96 24.44
CA TYR A 156 -24.39 -32.14 23.24
C TYR A 156 -24.79 -33.60 23.11
N THR A 157 -25.59 -33.88 22.09
CA THR A 157 -25.94 -35.24 21.69
C THR A 157 -25.61 -35.39 20.21
N GLU A 158 -25.13 -36.57 19.83
CA GLU A 158 -24.62 -36.79 18.49
C GLU A 158 -25.45 -37.83 17.76
N ALA A 159 -25.65 -37.61 16.46
CA ALA A 159 -26.40 -38.53 15.62
C ALA A 159 -25.93 -38.37 14.18
N TYR A 160 -26.34 -39.29 13.33
CA TYR A 160 -26.01 -39.27 11.91
C TYR A 160 -27.13 -38.59 11.14
N ASN A 161 -26.78 -37.57 10.35
CA ASN A 161 -27.75 -36.81 9.59
C ASN A 161 -27.72 -37.23 8.14
N PRO A 162 -28.62 -38.11 7.68
CA PRO A 162 -28.55 -38.59 6.29
C PRO A 162 -28.95 -37.55 5.27
N LYS A 163 -29.34 -36.35 5.68
CA LYS A 163 -29.55 -35.27 4.72
C LYS A 163 -28.21 -34.68 4.28
N ILE A 164 -27.40 -34.24 5.25
CA ILE A 164 -26.05 -33.77 4.94
C ILE A 164 -25.04 -34.90 4.88
N LYS A 165 -25.42 -36.11 5.30
CA LYS A 165 -24.57 -37.30 5.28
C LYS A 165 -23.30 -37.06 6.11
N ARG A 166 -23.51 -36.93 7.42
CA ARG A 166 -22.45 -36.59 8.34
C ARG A 166 -22.96 -36.72 9.77
N ASP A 167 -22.03 -36.94 10.69
CA ASP A 167 -22.35 -36.82 12.11
C ASP A 167 -22.53 -35.36 12.47
N GLU A 168 -23.55 -35.07 13.27
CA GLU A 168 -23.93 -33.70 13.60
C GLU A 168 -24.16 -33.59 15.09
N ARG A 169 -23.39 -32.73 15.75
CA ARG A 169 -23.59 -32.47 17.17
C ARG A 169 -24.76 -31.50 17.37
N THR A 170 -25.47 -31.68 18.48
CA THR A 170 -26.66 -30.89 18.77
C THR A 170 -26.66 -30.52 20.25
N LEU A 171 -26.73 -29.22 20.54
CA LEU A 171 -26.59 -28.75 21.91
C LEU A 171 -27.74 -29.20 22.79
N ILE A 172 -27.43 -29.54 24.04
CA ILE A 172 -28.45 -29.92 25.01
C ILE A 172 -29.07 -28.68 25.66
N ASN A 173 -28.22 -27.78 26.15
CA ASN A 173 -28.67 -26.54 26.77
C ASN A 173 -27.83 -25.37 26.26
N PRO A 174 -28.44 -24.39 25.60
CA PRO A 174 -27.64 -23.36 24.93
C PRO A 174 -27.55 -22.04 25.66
N ASP A 175 -27.60 -22.05 26.99
CA ASP A 175 -27.45 -20.79 27.73
C ASP A 175 -26.02 -20.30 27.63
N ILE A 176 -25.83 -18.98 27.57
CA ILE A 176 -24.52 -18.40 27.30
C ILE A 176 -24.18 -17.34 28.34
N LYS A 177 -22.90 -16.95 28.33
CA LYS A 177 -22.42 -15.80 29.08
C LYS A 177 -21.38 -15.05 28.25
N VAL A 178 -21.07 -13.82 28.65
CA VAL A 178 -20.20 -12.93 27.90
C VAL A 178 -18.91 -12.73 28.69
N VAL A 179 -17.77 -12.83 28.00
CA VAL A 179 -16.48 -12.76 28.69
C VAL A 179 -15.61 -11.66 28.09
N ASP A 180 -14.38 -11.55 28.60
CA ASP A 180 -13.38 -10.60 28.14
C ASP A 180 -13.84 -9.16 28.19
N PHE A 181 -13.54 -8.46 29.29
CA PHE A 181 -13.89 -7.07 29.47
C PHE A 181 -12.65 -6.18 29.56
N GLY A 182 -11.57 -6.58 28.92
CA GLY A 182 -10.37 -5.78 28.94
C GLY A 182 -10.34 -4.62 27.97
N SER A 183 -11.30 -4.55 27.05
CA SER A 183 -11.41 -3.43 26.12
C SER A 183 -12.63 -2.57 26.39
N ALA A 184 -13.42 -2.88 27.42
CA ALA A 184 -14.61 -2.12 27.74
C ALA A 184 -14.24 -0.67 28.08
N THR A 185 -15.18 0.24 27.82
CA THR A 185 -14.93 1.66 27.92
C THR A 185 -16.18 2.36 28.43
N TYR A 186 -16.05 3.07 29.54
CA TYR A 186 -17.14 3.91 30.00
C TYR A 186 -17.34 5.09 29.05
N ASP A 187 -18.53 5.69 29.13
CA ASP A 187 -18.87 6.76 28.18
C ASP A 187 -17.90 7.93 28.28
N ASP A 188 -17.32 8.15 29.45
CA ASP A 188 -16.42 9.28 29.65
C ASP A 188 -14.95 8.92 29.51
N GLU A 189 -14.62 7.63 29.59
CA GLU A 189 -13.24 7.20 29.43
C GLU A 189 -12.74 7.54 28.03
N HIS A 190 -11.42 7.53 27.88
CA HIS A 190 -10.82 7.79 26.58
C HIS A 190 -11.16 6.68 25.60
N HIS A 191 -11.72 7.06 24.45
CA HIS A 191 -12.02 6.11 23.38
C HIS A 191 -10.82 6.00 22.46
N SER A 192 -10.13 4.87 22.50
CA SER A 192 -9.00 4.67 21.61
C SER A 192 -9.49 4.47 20.18
N THR A 193 -8.58 4.65 19.23
CA THR A 193 -8.98 4.77 17.84
C THR A 193 -9.29 3.42 17.20
N LEU A 194 -8.53 2.38 17.53
CA LEU A 194 -8.71 1.05 16.96
C LEU A 194 -9.29 0.12 18.01
N VAL A 195 -10.49 -0.42 17.74
CA VAL A 195 -11.16 -1.33 18.67
C VAL A 195 -11.74 -2.55 17.96
N THR A 197 -11.83 -6.52 16.77
CA THR A 197 -11.33 -7.47 15.78
C THR A 197 -11.90 -7.15 14.39
N ARG A 198 -11.13 -7.43 13.34
CA ARG A 198 -11.43 -6.88 12.02
C ARG A 198 -12.74 -7.42 11.47
N HIS A 199 -13.02 -8.71 11.67
CA HIS A 199 -14.22 -9.30 11.08
C HIS A 199 -15.50 -8.78 11.71
N TYR A 200 -15.43 -8.19 12.90
CA TYR A 200 -16.60 -7.70 13.63
C TYR A 200 -16.50 -6.21 13.91
N ARG A 201 -15.62 -5.52 13.19
CA ARG A 201 -15.45 -4.07 13.33
C ARG A 201 -16.57 -3.35 12.60
N ALA A 202 -17.08 -2.28 13.23
CA ALA A 202 -18.19 -1.51 12.68
C ALA A 202 -17.72 -0.51 11.65
N PRO A 203 -18.59 -0.08 10.73
CA PRO A 203 -18.13 0.83 9.68
C PRO A 203 -17.68 2.18 10.21
N GLU A 204 -18.28 2.67 11.29
CA GLU A 204 -17.81 3.93 11.84
C GLU A 204 -16.43 3.80 12.46
N VAL A 205 -16.02 2.58 12.83
CA VAL A 205 -14.71 2.39 13.43
C VAL A 205 -13.65 2.34 12.35
N ILE A 206 -13.89 1.56 11.30
CA ILE A 206 -12.98 1.50 10.17
C ILE A 206 -12.71 2.90 9.64
N LEU A 207 -13.74 3.73 9.57
CA LEU A 207 -13.60 5.06 9.00
C LEU A 207 -13.13 6.08 10.01
N ALA A 208 -12.93 5.69 11.27
CA ALA A 208 -12.44 6.59 12.30
C ALA A 208 -13.32 7.81 12.44
N LEU A 209 -14.49 7.64 13.05
CA LEU A 209 -15.43 8.75 13.27
C LEU A 209 -15.85 8.87 14.73
N GLY A 210 -15.24 8.10 15.63
CA GLY A 210 -15.75 7.98 16.97
C GLY A 210 -16.80 6.89 17.07
N TRP A 211 -17.04 6.43 18.29
CA TRP A 211 -17.97 5.31 18.46
C TRP A 211 -18.52 5.32 19.87
N SER A 212 -19.65 4.64 20.02
CA SER A 212 -20.24 4.41 21.34
C SER A 212 -21.00 3.10 21.29
N GLN A 213 -22.01 2.95 22.12
CA GLN A 213 -22.78 1.72 22.21
C GLN A 213 -23.29 1.19 20.86
N PRO A 214 -23.64 2.04 19.89
CA PRO A 214 -24.04 1.50 18.57
C PRO A 214 -23.06 0.50 17.98
N CYS A 215 -21.76 0.69 18.16
CA CYS A 215 -20.80 -0.21 17.53
C CYS A 215 -20.92 -1.63 18.06
N ASP A 216 -21.39 -1.79 19.30
CA ASP A 216 -21.61 -3.12 19.84
C ASP A 216 -22.78 -3.82 19.14
N VAL A 217 -23.76 -3.06 18.69
CA VAL A 217 -24.90 -3.66 18.01
C VAL A 217 -24.50 -4.19 16.64
N TRP A 218 -23.62 -3.47 15.95
CA TRP A 218 -23.11 -3.98 14.69
C TRP A 218 -22.41 -5.32 14.88
N SER A 219 -21.62 -5.45 15.94
CA SER A 219 -20.89 -6.69 16.18
C SER A 219 -21.85 -7.85 16.40
N ILE A 220 -22.94 -7.61 17.13
CA ILE A 220 -23.92 -8.66 17.36
C ILE A 220 -24.58 -9.08 16.05
N GLY A 221 -24.76 -8.15 15.12
CA GLY A 221 -25.31 -8.52 13.83
C GLY A 221 -24.42 -9.47 13.07
N CYS A 222 -23.10 -9.26 13.14
CA CYS A 222 -22.16 -10.16 12.49
C CYS A 222 -22.11 -11.50 13.20
N ILE A 223 -22.28 -11.51 14.52
CA ILE A 223 -22.31 -12.78 15.23
C ILE A 223 -23.55 -13.58 14.84
N LEU A 224 -24.70 -12.92 14.73
CA LEU A 224 -25.94 -13.64 14.45
C LEU A 224 -25.93 -14.23 13.04
N ILE A 225 -25.35 -13.53 12.08
CA ILE A 225 -25.31 -14.07 10.73
C ILE A 225 -24.33 -15.22 10.64
N GLU A 226 -23.32 -15.25 11.51
CA GLU A 226 -22.38 -16.38 11.51
C GLU A 226 -22.93 -17.59 12.24
N TYR A 227 -23.79 -17.38 13.23
CA TYR A 227 -24.53 -18.49 13.78
C TYR A 227 -25.46 -19.09 12.75
N TYR A 228 -25.99 -18.28 11.84
CA TYR A 228 -26.94 -18.77 10.85
C TYR A 228 -26.26 -19.48 9.70
N LEU A 229 -25.08 -19.03 9.30
CA LEU A 229 -24.37 -19.62 8.17
C LEU A 229 -23.28 -20.59 8.59
N GLY A 230 -22.66 -20.38 9.74
CA GLY A 230 -21.58 -21.23 10.18
C GLY A 230 -20.21 -20.81 9.73
N PHE A 231 -20.07 -19.61 9.20
CA PHE A 231 -18.77 -19.11 8.77
C PHE A 231 -18.79 -17.59 8.79
N THR A 232 -17.61 -17.01 8.83
CA THR A 232 -17.48 -15.56 8.91
C THR A 232 -17.95 -14.91 7.62
N VAL A 233 -18.76 -13.85 7.75
CA VAL A 233 -19.28 -13.16 6.58
C VAL A 233 -18.29 -12.12 6.08
N PHE A 234 -17.42 -11.62 6.95
CA PHE A 234 -16.35 -10.70 6.57
C PHE A 234 -15.00 -11.34 6.89
N PRO A 235 -14.58 -12.30 6.11
CA PRO A 235 -13.33 -13.01 6.41
C PRO A 235 -12.11 -12.41 5.70
N THR A 236 -11.58 -11.33 6.29
CA THR A 236 -10.47 -10.64 5.66
C THR A 236 -9.71 -9.85 6.72
N HIS A 237 -8.54 -9.35 6.30
CA HIS A 237 -7.73 -8.49 7.15
C HIS A 237 -7.46 -7.13 6.52
N ASP A 238 -7.74 -6.95 5.24
CA ASP A 238 -7.51 -5.68 4.56
C ASP A 238 -8.73 -4.78 4.74
N SER A 239 -8.48 -3.54 5.13
CA SER A 239 -9.59 -2.63 5.45
C SER A 239 -10.39 -2.26 4.22
N LYS A 240 -9.70 -2.04 3.09
CA LYS A 240 -10.41 -1.63 1.88
C LYS A 240 -11.23 -2.79 1.32
N GLU A 241 -10.73 -4.01 1.44
CA GLU A 241 -11.51 -5.17 1.05
C GLU A 241 -12.73 -5.33 1.95
N HIS A 242 -12.55 -5.06 3.24
CA HIS A 242 -13.66 -5.13 4.20
C HIS A 242 -14.81 -4.23 3.74
N LEU A 243 -14.53 -2.95 3.55
CA LEU A 243 -15.57 -2.03 3.10
C LEU A 243 -16.15 -2.46 1.76
N ALA A 244 -15.33 -3.07 0.91
CA ALA A 244 -15.83 -3.52 -0.38
C ALA A 244 -16.82 -4.66 -0.20
N MET A 245 -16.53 -5.59 0.70
CA MET A 245 -17.46 -6.67 0.98
C MET A 245 -18.78 -6.11 1.49
N MET A 246 -18.71 -5.06 2.32
CA MET A 246 -19.93 -4.48 2.86
C MET A 246 -20.83 -3.95 1.75
N GLU A 247 -20.26 -3.20 0.80
CA GLU A 247 -21.06 -2.61 -0.27
C GLU A 247 -21.72 -3.67 -1.15
N ARG A 248 -21.16 -4.89 -1.18
CA ARG A 248 -21.78 -5.95 -1.95
C ARG A 248 -22.89 -6.65 -1.16
N ILE A 249 -22.77 -6.70 0.16
CA ILE A 249 -23.78 -7.37 0.98
C ILE A 249 -24.87 -6.41 1.43
N LEU A 250 -24.51 -5.16 1.72
CA LEU A 250 -25.47 -4.22 2.28
C LEU A 250 -25.80 -3.04 1.37
N GLY A 251 -24.92 -2.71 0.43
CA GLY A 251 -25.13 -1.57 -0.44
C GLY A 251 -24.12 -0.47 -0.19
N PRO A 252 -24.21 0.62 -0.96
CA PRO A 252 -23.19 1.67 -0.87
C PRO A 252 -23.24 2.41 0.45
N LEU A 253 -22.07 2.85 0.88
CA LEU A 253 -21.96 3.53 2.16
C LEU A 253 -22.67 4.89 2.10
N PRO A 254 -23.12 5.41 3.24
CA PRO A 254 -23.72 6.75 3.25
C PRO A 254 -22.69 7.79 2.88
N LYS A 255 -23.13 8.80 2.14
CA LYS A 255 -22.19 9.80 1.63
C LYS A 255 -21.66 10.67 2.77
N HIS A 256 -22.52 11.03 3.72
CA HIS A 256 -22.09 11.90 4.79
C HIS A 256 -21.05 11.25 5.70
N MET A 257 -20.94 9.92 5.66
CA MET A 257 -19.89 9.26 6.43
C MET A 257 -18.59 9.19 5.66
N ILE A 258 -18.65 9.05 4.34
CA ILE A 258 -17.43 9.05 3.53
C ILE A 258 -16.75 10.42 3.60
N GLN A 259 -17.53 11.49 3.70
CA GLN A 259 -16.95 12.83 3.70
C GLN A 259 -16.28 13.18 5.03
N LYS A 260 -16.61 12.50 6.12
CA LYS A 260 -16.11 12.88 7.42
C LYS A 260 -14.95 12.01 7.90
N THR A 261 -14.57 10.98 7.15
CA THR A 261 -13.50 10.11 7.59
C THR A 261 -12.15 10.77 7.48
N ARG A 262 -11.27 10.43 8.43
CA ARG A 262 -9.87 10.83 8.36
C ARG A 262 -9.04 9.90 7.49
N LYS A 263 -9.65 8.84 6.96
CA LYS A 263 -8.93 7.87 6.14
C LYS A 263 -9.21 8.11 4.66
N ARG A 264 -8.60 9.17 4.15
CA ARG A 264 -8.77 9.52 2.74
C ARG A 264 -8.17 8.48 1.80
N LYS A 265 -7.34 7.57 2.31
CA LYS A 265 -6.66 6.62 1.44
C LYS A 265 -7.64 5.69 0.75
N TYR A 266 -8.72 5.31 1.45
CA TYR A 266 -9.61 4.29 0.91
C TYR A 266 -10.42 4.80 -0.27
N PHE A 267 -10.72 6.09 -0.32
CA PHE A 267 -11.69 6.63 -1.26
C PHE A 267 -11.03 7.55 -2.27
N HIS A 268 -11.77 7.82 -3.34
CA HIS A 268 -11.36 8.80 -4.34
C HIS A 268 -12.61 9.41 -4.93
N HIS A 269 -12.73 10.73 -4.83
CA HIS A 269 -13.90 11.47 -5.30
C HIS A 269 -15.17 10.99 -4.60
N ASP A 270 -15.07 10.80 -3.28
CA ASP A 270 -16.21 10.45 -2.42
C ASP A 270 -16.87 9.14 -2.84
N ARG A 271 -16.08 8.19 -3.33
CA ARG A 271 -16.56 6.86 -3.64
C ARG A 271 -15.43 5.88 -3.40
N LEU A 272 -15.78 4.66 -2.98
CA LEU A 272 -14.77 3.68 -2.62
C LEU A 272 -13.87 3.36 -3.81
N ASP A 273 -12.59 3.65 -3.67
CA ASP A 273 -11.63 3.38 -4.73
C ASP A 273 -11.38 1.88 -4.86
N TRP A 274 -12.36 1.16 -5.39
CA TRP A 274 -12.31 -0.28 -5.53
C TRP A 274 -12.66 -0.64 -6.96
N ASP A 275 -11.76 -1.35 -7.64
CA ASP A 275 -11.99 -1.77 -9.01
C ASP A 275 -12.71 -3.11 -9.00
N GLU A 276 -13.93 -3.14 -9.55
CA GLU A 276 -14.73 -4.35 -9.53
C GLU A 276 -14.05 -5.48 -10.28
N HIS A 277 -13.36 -5.16 -11.38
CA HIS A 277 -12.80 -6.16 -12.28
C HIS A 277 -11.32 -6.43 -12.01
N SER A 278 -10.88 -6.25 -10.78
CA SER A 278 -9.48 -6.45 -10.42
C SER A 278 -9.26 -7.92 -10.06
N SER A 279 -8.16 -8.21 -9.35
CA SER A 279 -7.92 -9.55 -8.86
C SER A 279 -8.91 -9.86 -7.74
N ALA A 280 -8.71 -9.22 -6.58
CA ALA A 280 -9.56 -9.50 -5.44
C ALA A 280 -10.99 -9.01 -5.66
N GLY A 281 -11.17 -7.97 -6.47
CA GLY A 281 -12.51 -7.43 -6.67
C GLY A 281 -13.46 -8.44 -7.27
N ARG A 282 -12.92 -9.45 -7.94
CA ARG A 282 -13.77 -10.51 -8.48
C ARG A 282 -14.05 -11.60 -7.46
N TYR A 283 -13.19 -11.77 -6.46
CA TYR A 283 -13.54 -12.69 -5.38
C TYR A 283 -14.63 -12.10 -4.52
N VAL A 284 -14.54 -10.79 -4.23
CA VAL A 284 -15.58 -10.15 -3.43
C VAL A 284 -16.91 -10.16 -4.17
N SER A 285 -16.88 -9.96 -5.49
CA SER A 285 -18.11 -9.96 -6.27
C SER A 285 -18.76 -11.34 -6.32
N ARG A 286 -17.99 -12.40 -6.12
CA ARG A 286 -18.53 -13.75 -6.23
C ARG A 286 -18.56 -14.50 -4.91
N ALA A 287 -17.79 -14.08 -3.91
CA ALA A 287 -17.94 -14.68 -2.60
C ALA A 287 -19.10 -14.05 -1.85
N CYS A 288 -19.30 -12.75 -2.02
CA CYS A 288 -20.35 -12.03 -1.32
C CYS A 288 -21.55 -11.83 -2.24
N LYS A 289 -22.68 -11.50 -1.61
CA LYS A 289 -23.95 -11.33 -2.29
C LYS A 289 -24.85 -10.50 -1.40
N PRO A 290 -25.95 -9.97 -1.94
CA PRO A 290 -26.88 -9.21 -1.10
C PRO A 290 -27.33 -10.01 0.11
N LEU A 291 -27.45 -9.32 1.24
CA LEU A 291 -27.70 -9.97 2.52
C LEU A 291 -28.92 -10.89 2.45
N LYS A 292 -30.02 -10.40 1.87
CA LYS A 292 -31.24 -11.19 1.84
C LYS A 292 -31.05 -12.51 1.11
N GLU A 293 -30.08 -12.58 0.20
CA GLU A 293 -29.86 -13.80 -0.56
C GLU A 293 -29.13 -14.86 0.23
N PHE A 294 -28.66 -14.54 1.43
CA PHE A 294 -28.05 -15.55 2.28
C PHE A 294 -29.07 -16.42 3.00
N MET A 295 -30.35 -16.08 2.95
CA MET A 295 -31.36 -16.81 3.70
C MET A 295 -31.49 -18.24 3.18
N LEU A 296 -31.46 -19.20 4.09
CA LEU A 296 -31.54 -20.60 3.71
C LEU A 296 -32.97 -21.06 3.47
N SER A 297 -33.96 -20.38 4.03
CA SER A 297 -35.36 -20.70 3.84
C SER A 297 -36.14 -19.40 3.70
N GLN A 298 -37.38 -19.51 3.25
CA GLN A 298 -38.26 -18.35 3.11
C GLN A 298 -39.38 -18.33 4.13
N ASP A 299 -39.35 -19.25 5.10
CA ASP A 299 -40.29 -19.24 6.21
C ASP A 299 -40.20 -17.91 6.95
N VAL A 300 -41.31 -17.52 7.58
CA VAL A 300 -41.41 -16.18 8.16
C VAL A 300 -40.38 -15.98 9.27
N GLU A 301 -40.06 -17.02 10.03
CA GLU A 301 -39.09 -16.87 11.12
C GLU A 301 -37.71 -16.53 10.59
N HIS A 302 -37.34 -17.09 9.44
CA HIS A 302 -36.10 -16.69 8.79
C HIS A 302 -36.16 -15.24 8.31
N GLU A 303 -37.31 -14.83 7.77
CA GLU A 303 -37.48 -13.44 7.37
C GLU A 303 -37.29 -12.50 8.56
N ARG A 304 -37.77 -12.90 9.73
CA ARG A 304 -37.74 -12.00 10.87
C ARG A 304 -36.34 -11.87 11.44
N LEU A 305 -35.57 -12.96 11.43
CA LEU A 305 -34.18 -12.88 11.88
C LEU A 305 -33.38 -11.91 11.02
N PHE A 306 -33.48 -12.08 9.70
CA PHE A 306 -32.74 -11.22 8.78
C PHE A 306 -33.24 -9.79 8.79
N ASP A 307 -34.49 -9.54 9.18
CA ASP A 307 -34.92 -8.16 9.40
C ASP A 307 -34.26 -7.59 10.64
N LEU A 308 -34.01 -8.42 11.65
CA LEU A 308 -33.25 -7.97 12.81
C LEU A 308 -31.80 -7.75 12.46
N ILE A 309 -31.21 -8.66 11.69
CA ILE A 309 -29.82 -8.51 11.31
C ILE A 309 -29.63 -7.29 10.42
N GLN A 310 -30.58 -7.02 9.52
CA GLN A 310 -30.46 -5.88 8.64
C GLN A 310 -30.46 -4.57 9.43
N LYS A 311 -31.38 -4.45 10.39
CA LYS A 311 -31.41 -3.26 11.23
C LYS A 311 -30.22 -3.19 12.16
N MET A 312 -29.58 -4.32 12.43
CA MET A 312 -28.34 -4.31 13.21
C MET A 312 -27.14 -3.87 12.37
N LEU A 313 -27.17 -4.13 11.07
CA LEU A 313 -26.09 -3.73 10.19
C LEU A 313 -26.36 -2.41 9.49
N GLU A 314 -27.07 -1.51 10.15
CA GLU A 314 -27.24 -0.16 9.63
C GLU A 314 -25.92 0.58 9.70
N TYR A 315 -25.50 1.14 8.57
CA TYR A 315 -24.24 1.86 8.51
C TYR A 315 -24.19 2.99 9.53
N ASP A 316 -25.01 4.02 9.32
CA ASP A 316 -25.09 5.19 10.20
C ASP A 316 -25.36 4.75 11.63
N PRO A 317 -24.40 4.92 12.54
CA PRO A 317 -24.65 4.53 13.92
C PRO A 317 -25.77 5.30 14.57
N ALA A 318 -26.01 6.54 14.14
CA ALA A 318 -27.11 7.31 14.70
C ALA A 318 -28.47 6.76 14.29
N LYS A 319 -28.54 6.02 13.17
CA LYS A 319 -29.78 5.41 12.74
C LYS A 319 -29.90 3.94 13.13
N ARG A 320 -28.79 3.31 13.50
CA ARG A 320 -28.79 1.88 13.82
C ARG A 320 -29.68 1.60 15.02
N ILE A 321 -30.25 0.39 15.03
CA ILE A 321 -31.09 -0.03 16.13
C ILE A 321 -30.30 -0.01 17.43
N THR A 322 -31.03 0.12 18.54
CA THR A 322 -30.45 -0.03 19.86
C THR A 322 -30.75 -1.43 20.37
N LEU A 323 -30.25 -1.74 21.55
CA LEU A 323 -30.54 -3.06 22.10
C LEU A 323 -31.87 -3.07 22.85
N ARG A 324 -32.31 -1.92 23.36
CA ARG A 324 -33.63 -1.85 23.99
C ARG A 324 -34.73 -2.12 22.97
N GLU A 325 -34.62 -1.49 21.79
CA GLU A 325 -35.59 -1.74 20.74
C GLU A 325 -35.54 -3.18 20.25
N ALA A 326 -34.34 -3.74 20.14
CA ALA A 326 -34.20 -5.06 19.53
C ALA A 326 -34.80 -6.15 20.40
N LEU A 327 -34.80 -5.97 21.73
CA LEU A 327 -35.34 -7.01 22.60
C LEU A 327 -36.84 -7.19 22.40
N LYS A 328 -37.51 -6.24 21.76
CA LYS A 328 -38.95 -6.31 21.51
C LYS A 328 -39.29 -6.87 20.14
N HIS A 329 -38.34 -6.90 19.21
CA HIS A 329 -38.50 -7.33 17.83
C HIS A 329 -39.23 -8.67 17.79
N PRO A 330 -40.06 -8.92 16.77
CA PRO A 330 -40.87 -10.13 16.76
C PRO A 330 -40.08 -11.43 16.65
N PHE A 331 -38.80 -11.38 16.29
CA PHE A 331 -38.03 -12.62 16.26
C PHE A 331 -37.95 -13.28 17.62
N PHE A 332 -38.16 -12.52 18.70
CA PHE A 332 -38.15 -13.04 20.05
C PHE A 332 -39.54 -13.31 20.61
N ASP A 333 -40.58 -13.11 19.80
CA ASP A 333 -41.95 -13.35 20.26
C ASP A 333 -42.15 -14.77 20.76
N LEU A 334 -41.49 -15.74 20.15
CA LEU A 334 -41.73 -17.14 20.48
C LEU A 334 -41.23 -17.51 21.87
N LEU A 335 -40.45 -16.66 22.52
CA LEU A 335 -39.92 -16.96 23.84
C LEU A 335 -40.77 -16.43 24.97
N LYS A 336 -41.68 -15.51 24.68
CA LYS A 336 -42.45 -14.83 25.70
C LYS A 336 -43.83 -15.48 25.87
N LYS A 337 -44.53 -15.06 26.91
CA LYS A 337 -45.89 -15.51 27.17
C LYS A 337 -46.88 -14.40 26.89
N SER B 1 -15.73 21.92 -6.90
CA SER B 1 -16.24 22.86 -5.92
C SER B 1 -15.25 23.99 -5.69
N MET B 2 -14.02 23.61 -5.34
CA MET B 2 -12.97 24.61 -5.14
C MET B 2 -12.56 25.25 -6.45
N HIS B 3 -12.61 24.49 -7.54
CA HIS B 3 -12.20 24.99 -8.85
C HIS B 3 -12.88 26.31 -9.20
N LEU B 4 -14.14 26.45 -8.81
CA LEU B 4 -14.96 27.58 -9.27
C LEU B 4 -14.70 28.87 -8.51
N ILE B 5 -13.82 28.87 -7.52
CA ILE B 5 -13.70 30.05 -6.65
C ILE B 5 -12.26 30.53 -6.57
N CYS B 6 -11.38 30.01 -7.42
CA CYS B 6 -9.97 30.36 -7.27
C CYS B 6 -9.26 30.61 -8.60
N GLN B 7 -9.98 30.98 -9.65
CA GLN B 7 -9.33 31.38 -10.89
C GLN B 7 -8.72 32.76 -10.73
N SER B 8 -7.67 33.04 -11.51
CA SER B 8 -7.02 34.33 -11.42
C SER B 8 -8.01 35.44 -11.74
N GLY B 9 -7.72 36.64 -11.26
CA GLY B 9 -8.62 37.75 -11.43
C GLY B 9 -9.79 37.78 -10.48
N ASP B 10 -10.08 36.69 -9.77
CA ASP B 10 -11.14 36.72 -8.77
C ASP B 10 -10.70 37.57 -7.58
N VAL B 11 -11.70 38.11 -6.89
CA VAL B 11 -11.46 39.00 -5.75
C VAL B 11 -12.06 38.37 -4.51
N LEU B 12 -11.22 38.05 -3.55
CA LEU B 12 -11.67 37.44 -2.31
C LEU B 12 -11.88 38.52 -1.26
N SER B 13 -12.98 38.40 -0.50
CA SER B 13 -13.25 39.27 0.64
C SER B 13 -13.29 40.74 0.25
N ALA B 14 -13.58 41.02 -1.01
CA ALA B 14 -13.57 42.38 -1.55
C ALA B 14 -12.24 43.06 -1.27
N ARG B 15 -11.16 42.33 -1.53
CA ARG B 15 -9.84 42.82 -1.11
C ARG B 15 -8.71 42.17 -1.91
N TYR B 16 -8.65 40.85 -1.90
CA TYR B 16 -7.51 40.13 -2.45
C TYR B 16 -7.82 39.68 -3.87
N GLU B 17 -7.02 40.14 -4.82
CA GLU B 17 -7.16 39.75 -6.22
C GLU B 17 -6.15 38.67 -6.56
N ILE B 18 -6.64 37.56 -7.11
CA ILE B 18 -5.80 36.39 -7.35
C ILE B 18 -4.90 36.64 -8.55
N VAL B 19 -3.61 36.33 -8.39
CA VAL B 19 -2.61 36.49 -9.44
C VAL B 19 -2.35 35.16 -10.13
N ASP B 20 -1.83 34.19 -9.38
CA ASP B 20 -1.61 32.85 -9.92
C ASP B 20 -1.49 31.88 -8.75
N THR B 21 -1.29 30.60 -9.08
CA THR B 21 -1.25 29.55 -8.08
C THR B 21 0.19 29.23 -7.69
N LEU B 22 0.48 29.31 -6.39
CA LEU B 22 1.81 29.00 -5.88
C LEU B 22 1.98 27.53 -5.55
N GLY B 23 0.90 26.81 -5.28
CA GLY B 23 0.98 25.40 -4.94
C GLY B 23 -0.35 24.76 -4.61
N GLU B 24 -0.48 23.48 -4.91
CA GLU B 24 -1.68 22.72 -4.60
C GLU B 24 -1.33 21.60 -3.64
N GLY B 25 -2.27 21.29 -2.77
CA GLY B 25 -2.17 20.14 -1.89
C GLY B 25 -3.47 19.38 -1.87
N ALA B 26 -3.66 18.52 -0.86
CA ALA B 26 -4.95 17.89 -0.68
C ALA B 26 -5.89 18.76 0.14
N PHE B 27 -5.34 19.75 0.85
CA PHE B 27 -6.16 20.65 1.63
C PHE B 27 -6.88 21.65 0.75
N GLY B 28 -6.34 21.94 -0.42
CA GLY B 28 -6.84 23.00 -1.26
C GLY B 28 -5.74 23.54 -2.15
N LYS B 29 -5.52 24.85 -2.10
CA LYS B 29 -4.41 25.43 -2.84
C LYS B 29 -4.04 26.77 -2.22
N VAL B 30 -2.84 27.23 -2.55
CA VAL B 30 -2.32 28.51 -2.08
C VAL B 30 -2.06 29.38 -3.30
N VAL B 31 -2.56 30.61 -3.26
CA VAL B 31 -2.49 31.53 -4.38
C VAL B 31 -1.80 32.81 -3.94
N GLU B 32 -1.12 33.46 -4.88
CA GLU B 32 -0.56 34.78 -4.67
C GLU B 32 -1.62 35.82 -5.03
N CYS B 33 -1.76 36.84 -4.19
CA CYS B 33 -2.81 37.82 -4.35
C CYS B 33 -2.23 39.22 -4.19
N ILE B 34 -2.90 40.18 -4.80
CA ILE B 34 -2.65 41.59 -4.55
C ILE B 34 -3.64 42.06 -3.49
N ASP B 35 -3.13 42.73 -2.47
CA ASP B 35 -3.95 43.21 -1.36
C ASP B 35 -4.30 44.67 -1.64
N HIS B 36 -5.46 44.88 -2.24
CA HIS B 36 -5.84 46.22 -2.65
C HIS B 36 -6.17 47.12 -1.47
N LYS B 37 -6.32 46.57 -0.27
CA LYS B 37 -6.52 47.39 0.90
C LYS B 37 -5.20 47.74 1.60
N ALA B 38 -4.14 46.97 1.36
CA ALA B 38 -2.84 47.22 1.96
C ALA B 38 -1.87 47.83 0.96
N GLY B 39 -2.38 48.60 0.00
CA GLY B 39 -1.53 49.38 -0.87
C GLY B 39 -0.98 48.65 -2.06
N GLY B 40 -1.39 47.41 -2.31
CA GLY B 40 -0.82 46.61 -3.37
C GLY B 40 0.15 45.56 -2.91
N ARG B 41 0.34 45.39 -1.60
CA ARG B 41 1.22 44.36 -1.07
C ARG B 41 0.81 43.00 -1.60
N HIS B 42 1.80 42.22 -2.07
CA HIS B 42 1.54 40.86 -2.49
C HIS B 42 1.54 39.94 -1.29
N VAL B 43 0.59 38.99 -1.29
CA VAL B 43 0.39 38.10 -0.16
C VAL B 43 0.09 36.72 -0.69
N ALA B 44 0.08 35.74 0.21
CA ALA B 44 -0.25 34.37 -0.13
C ALA B 44 -1.48 33.97 0.67
N VAL B 45 -2.52 33.50 -0.02
CA VAL B 45 -3.77 33.10 0.60
C VAL B 45 -3.93 31.60 0.42
N LYS B 46 -4.19 30.93 1.49
CA LYS B 46 -4.41 29.50 1.49
C LYS B 46 -5.91 29.26 1.56
N ILE B 47 -6.46 28.69 0.48
CA ILE B 47 -7.87 28.41 0.38
C ILE B 47 -8.09 26.94 0.68
N VAL B 48 -8.80 26.66 1.75
CA VAL B 48 -8.98 25.29 2.22
C VAL B 48 -10.22 24.67 1.60
N LYS B 49 -10.15 23.39 1.29
CA LYS B 49 -11.31 22.65 0.81
C LYS B 49 -12.42 22.73 1.85
N ASN B 50 -13.65 22.49 1.38
CA ASN B 50 -14.82 22.56 2.24
C ASN B 50 -15.16 21.20 2.83
N VAL B 51 -14.16 20.54 3.40
CA VAL B 51 -14.28 19.20 3.94
C VAL B 51 -13.97 19.24 5.43
N ASP B 52 -14.60 18.35 6.19
CA ASP B 52 -14.42 18.33 7.64
C ASP B 52 -12.95 18.20 8.02
N ARG B 53 -12.25 17.21 7.46
CA ARG B 53 -10.90 16.90 7.90
C ARG B 53 -9.98 18.11 7.79
N TYR B 54 -10.06 18.83 6.67
CA TYR B 54 -9.19 19.96 6.43
C TYR B 54 -9.72 21.25 7.02
N CYS B 55 -11.01 21.35 7.27
CA CYS B 55 -11.52 22.54 7.95
C CYS B 55 -11.10 22.56 9.41
N GLU B 56 -10.98 21.39 10.04
CA GLU B 56 -10.52 21.35 11.42
C GLU B 56 -9.03 21.65 11.51
N ALA B 57 -8.25 21.12 10.57
CA ALA B 57 -6.83 21.39 10.55
C ALA B 57 -6.55 22.87 10.31
N ALA B 58 -7.38 23.50 9.47
CA ALA B 58 -7.20 24.91 9.20
C ALA B 58 -7.45 25.75 10.44
N ARG B 59 -8.38 25.32 11.28
CA ARG B 59 -8.69 26.09 12.49
C ARG B 59 -7.63 25.86 13.56
N SER B 60 -7.00 24.70 13.57
CA SER B 60 -5.91 24.46 14.51
C SER B 60 -4.67 25.27 14.15
N GLU B 61 -4.30 25.25 12.86
CA GLU B 61 -3.16 26.04 12.40
C GLU B 61 -3.34 27.51 12.70
N ILE B 62 -4.57 28.00 12.66
CA ILE B 62 -4.83 29.37 13.07
C ILE B 62 -4.40 29.56 14.51
N GLN B 63 -4.86 28.68 15.40
CA GLN B 63 -4.53 28.81 16.81
C GLN B 63 -3.03 28.65 17.04
N VAL B 64 -2.43 27.64 16.42
CA VAL B 64 -0.99 27.43 16.57
C VAL B 64 -0.23 28.67 16.10
N LEU B 65 -0.50 29.14 14.89
CA LEU B 65 0.20 30.31 14.39
C LEU B 65 -0.09 31.54 15.24
N GLU B 66 -1.32 31.67 15.71
CA GLU B 66 -1.66 32.76 16.62
C GLU B 66 -0.77 32.74 17.85
N HIS B 67 -0.55 31.54 18.41
CA HIS B 67 0.37 31.38 19.52
C HIS B 67 1.79 31.75 19.10
N LEU B 68 2.32 31.07 18.08
CA LEU B 68 3.72 31.23 17.71
C LEU B 68 4.04 32.66 17.28
N ASN B 69 3.17 33.25 16.45
CA ASN B 69 3.46 34.59 15.95
C ASN B 69 3.42 35.63 17.05
N THR B 70 2.75 35.36 18.16
CA THR B 70 2.81 36.28 19.28
C THR B 70 4.10 36.14 20.05
N THR B 71 4.51 34.90 20.32
CA THR B 71 5.75 34.68 21.06
C THR B 71 6.96 35.19 20.29
N ASP B 72 7.00 34.93 18.98
CA ASP B 72 8.10 35.34 18.11
C ASP B 72 7.53 36.27 17.06
N PRO B 73 7.25 37.53 17.40
CA PRO B 73 6.67 38.45 16.43
C PRO B 73 7.67 38.94 15.39
N ASN B 74 8.95 38.66 15.57
CA ASN B 74 9.98 39.07 14.62
C ASN B 74 10.50 37.92 13.79
N SER B 75 9.99 36.71 13.99
CA SER B 75 10.42 35.51 13.26
C SER B 75 11.91 35.24 13.47
N THR B 76 12.37 35.43 14.70
CA THR B 76 13.73 35.01 15.05
C THR B 76 13.93 33.52 14.79
N PHE B 77 12.87 32.73 14.99
CA PHE B 77 12.91 31.30 14.78
C PHE B 77 12.20 30.86 13.50
N ARG B 78 11.88 31.81 12.62
CA ARG B 78 11.62 31.55 11.21
C ARG B 78 10.39 30.68 10.97
N CYS B 79 9.33 30.92 11.73
CA CYS B 79 8.01 30.41 11.38
C CYS B 79 7.31 31.40 10.45
N VAL B 80 6.33 30.91 9.70
CA VAL B 80 5.64 31.76 8.75
C VAL B 80 4.74 32.73 9.49
N GLN B 81 4.64 33.95 8.96
CA GLN B 81 3.82 34.99 9.57
C GLN B 81 2.43 34.96 8.96
N MET B 82 1.42 34.79 9.81
CA MET B 82 0.02 34.86 9.41
C MET B 82 -0.49 36.26 9.67
N LEU B 83 -1.18 36.84 8.68
CA LEU B 83 -1.60 38.23 8.74
C LEU B 83 -3.07 38.38 9.15
N GLU B 84 -3.94 37.57 8.59
CA GLU B 84 -5.38 37.68 8.81
C GLU B 84 -6.00 36.42 8.26
N TRP B 85 -7.27 36.20 8.58
CA TRP B 85 -8.02 35.10 7.99
C TRP B 85 -9.47 35.52 7.82
N PHE B 86 -10.15 34.83 6.92
CA PHE B 86 -11.52 35.17 6.54
C PHE B 86 -12.16 33.98 5.86
N GLU B 87 -13.47 34.08 5.66
CA GLU B 87 -14.22 33.07 4.93
C GLU B 87 -14.68 33.62 3.59
N HIS B 88 -14.91 32.72 2.64
CA HIS B 88 -15.27 33.12 1.29
C HIS B 88 -15.98 31.94 0.64
N HIS B 89 -17.30 32.09 0.42
CA HIS B 89 -18.12 31.04 -0.16
C HIS B 89 -18.04 29.75 0.66
N GLY B 90 -18.07 29.89 1.98
CA GLY B 90 -18.00 28.73 2.84
C GLY B 90 -16.67 28.04 2.89
N HIS B 91 -15.62 28.68 2.38
CA HIS B 91 -14.26 28.18 2.41
C HIS B 91 -13.41 29.04 3.33
N ILE B 92 -12.51 28.40 4.05
CA ILE B 92 -11.63 29.11 4.96
C ILE B 92 -10.39 29.54 4.20
N CYS B 93 -9.95 30.77 4.44
CA CYS B 93 -8.79 31.34 3.77
C CYS B 93 -7.88 31.96 4.82
N ILE B 94 -6.58 31.67 4.73
CA ILE B 94 -5.59 32.20 5.65
C ILE B 94 -4.59 33.00 4.83
N VAL B 95 -4.29 34.20 5.28
CA VAL B 95 -3.40 35.12 4.59
C VAL B 95 -2.04 35.05 5.25
N PHE B 96 -1.02 34.70 4.48
CA PHE B 96 0.36 34.65 4.94
C PHE B 96 1.20 35.71 4.22
N GLU B 97 2.38 35.96 4.77
CA GLU B 97 3.38 36.71 4.01
C GLU B 97 3.78 35.92 2.78
N LEU B 98 3.98 36.61 1.67
CA LEU B 98 4.42 35.97 0.45
C LEU B 98 5.90 35.64 0.56
N LEU B 99 6.26 34.42 0.23
CA LEU B 99 7.63 33.94 0.28
C LEU B 99 8.03 33.46 -1.12
N GLY B 100 9.16 32.75 -1.19
CA GLY B 100 9.65 32.21 -2.44
C GLY B 100 9.25 30.77 -2.64
N LEU B 101 9.93 30.11 -3.56
CA LEU B 101 9.65 28.72 -3.84
C LEU B 101 9.88 27.86 -2.60
N SER B 102 9.35 26.65 -2.63
CA SER B 102 9.72 25.67 -1.65
C SER B 102 11.04 25.02 -2.04
N THR B 103 11.74 24.46 -1.04
CA THR B 103 13.00 23.82 -1.34
C THR B 103 12.82 22.64 -2.27
N TYR B 104 11.64 22.02 -2.27
CA TYR B 104 11.37 20.94 -3.21
C TYR B 104 11.21 21.47 -4.62
N ASP B 105 10.45 22.54 -4.78
CA ASP B 105 10.24 23.08 -6.12
C ASP B 105 11.51 23.71 -6.67
N PHE B 106 12.37 24.24 -5.80
CA PHE B 106 13.64 24.75 -6.31
C PHE B 106 14.51 23.61 -6.83
N ILE B 107 14.59 22.51 -6.08
CA ILE B 107 15.27 21.32 -6.57
C ILE B 107 14.60 20.81 -7.84
N LYS B 108 13.27 20.85 -7.90
CA LYS B 108 12.56 20.36 -9.07
C LYS B 108 12.89 21.18 -10.31
N GLU B 109 12.88 22.51 -10.18
CA GLU B 109 13.17 23.37 -11.31
C GLU B 109 14.66 23.45 -11.61
N ASN B 110 15.51 22.87 -10.78
CA ASN B 110 16.94 22.75 -11.05
C ASN B 110 17.31 21.37 -11.55
N GLY B 111 16.34 20.62 -12.08
CA GLY B 111 16.63 19.30 -12.60
C GLY B 111 16.94 18.28 -11.55
N PHE B 112 16.35 18.41 -10.37
CA PHE B 112 16.61 17.51 -9.25
C PHE B 112 18.09 17.43 -8.93
N LEU B 113 18.80 18.53 -9.11
CA LEU B 113 20.19 18.61 -8.66
C LEU B 113 20.23 18.99 -7.18
N PRO B 114 21.07 18.34 -6.40
CA PRO B 114 21.12 18.62 -4.96
C PRO B 114 21.73 19.98 -4.66
N PHE B 115 21.58 20.41 -3.41
CA PHE B 115 22.14 21.68 -2.97
C PHE B 115 23.61 21.52 -2.62
N ARG B 116 24.37 22.59 -2.87
CA ARG B 116 25.75 22.63 -2.42
C ARG B 116 25.83 22.49 -0.91
N LEU B 117 26.93 21.88 -0.44
CA LEU B 117 27.06 21.58 0.98
C LEU B 117 27.17 22.85 1.81
N ASP B 118 27.65 23.94 1.22
CA ASP B 118 27.72 25.19 1.97
C ASP B 118 26.33 25.71 2.29
N HIS B 119 25.38 25.53 1.37
CA HIS B 119 24.00 25.93 1.58
C HIS B 119 23.23 24.95 2.44
N ILE B 120 23.53 23.65 2.32
CA ILE B 120 22.91 22.67 3.19
C ILE B 120 23.17 22.99 4.65
N ARG B 121 24.39 23.38 4.98
CA ARG B 121 24.72 23.69 6.37
C ARG B 121 23.92 24.87 6.88
N LYS B 122 23.75 25.89 6.03
CA LYS B 122 22.97 27.06 6.43
C LYS B 122 21.51 26.69 6.64
N MET B 123 20.92 25.99 5.68
CA MET B 123 19.51 25.64 5.78
C MET B 123 19.24 24.68 6.93
N ALA B 124 20.05 23.63 7.04
CA ALA B 124 19.88 22.68 8.14
C ALA B 124 19.92 23.39 9.49
N TYR B 125 20.81 24.37 9.65
CA TYR B 125 20.90 25.07 10.92
C TYR B 125 19.63 25.86 11.21
N GLN B 126 19.10 26.54 10.20
CA GLN B 126 17.89 27.32 10.41
C GLN B 126 16.67 26.44 10.64
N ILE B 127 16.62 25.26 10.01
CA ILE B 127 15.53 24.34 10.28
C ILE B 127 15.63 23.80 11.70
N CYS B 128 16.82 23.37 12.11
CA CYS B 128 16.99 22.83 13.46
C CYS B 128 16.65 23.88 14.51
N LYS B 129 17.16 25.11 14.34
CA LYS B 129 16.86 26.17 15.30
C LYS B 129 15.38 26.54 15.26
N SER B 130 14.72 26.34 14.11
CA SER B 130 13.31 26.68 14.00
C SER B 130 12.41 25.62 14.62
N VAL B 131 12.71 24.34 14.39
CA VAL B 131 11.85 23.30 14.93
C VAL B 131 12.08 23.15 16.42
N ASN B 132 13.29 23.45 16.89
CA ASN B 132 13.53 23.44 18.33
C ASN B 132 12.73 24.51 19.04
N PHE B 133 12.47 25.64 18.37
CA PHE B 133 11.58 26.64 18.93
C PHE B 133 10.19 26.06 19.18
N LEU B 134 9.72 25.21 18.28
CA LEU B 134 8.44 24.55 18.49
C LEU B 134 8.53 23.59 19.67
N HIS B 135 9.63 22.83 19.76
CA HIS B 135 9.81 21.90 20.87
C HIS B 135 9.96 22.63 22.20
N SER B 136 10.59 23.80 22.19
CA SER B 136 10.63 24.62 23.39
C SER B 136 9.26 25.09 23.82
N ASN B 137 8.26 25.01 22.94
CA ASN B 137 6.92 25.48 23.25
C ASN B 137 5.92 24.32 23.25
N LYS B 138 6.39 23.12 23.55
CA LYS B 138 5.55 21.94 23.75
C LYS B 138 4.76 21.58 22.49
N LEU B 139 5.41 21.70 21.34
CA LEU B 139 4.78 21.46 20.05
C LEU B 139 5.52 20.39 19.27
N THR B 140 4.82 19.77 18.33
CA THR B 140 5.41 18.80 17.42
C THR B 140 4.81 19.02 16.04
N HIS B 141 5.65 19.34 15.07
CA HIS B 141 5.16 19.68 13.73
C HIS B 141 4.57 18.46 13.04
N THR B 142 5.26 17.32 13.12
CA THR B 142 4.84 16.01 12.61
C THR B 142 4.90 15.89 11.09
N ASP B 143 4.86 17.00 10.37
CA ASP B 143 4.77 16.93 8.91
C ASP B 143 5.85 17.79 8.27
N LEU B 144 7.10 17.54 8.63
CA LEU B 144 8.23 18.27 8.06
C LEU B 144 8.70 17.57 6.80
N LYS B 145 8.74 18.31 5.69
CA LYS B 145 9.14 17.75 4.41
C LYS B 145 9.69 18.88 3.55
N PRO B 146 10.40 18.57 2.48
CA PRO B 146 10.91 19.63 1.61
C PRO B 146 9.86 20.60 1.13
N GLU B 147 8.63 20.14 0.93
CA GLU B 147 7.57 21.04 0.48
C GLU B 147 7.22 22.07 1.53
N ASN B 148 7.46 21.80 2.81
CA ASN B 148 7.07 22.69 3.89
C ASN B 148 8.22 23.58 4.35
N ILE B 149 9.34 23.59 3.66
CA ILE B 149 10.44 24.50 3.94
C ILE B 149 10.59 25.39 2.72
N LEU B 150 10.30 26.68 2.88
CA LEU B 150 10.30 27.64 1.79
C LEU B 150 11.46 28.61 1.96
N PHE B 151 11.95 29.14 0.85
CA PHE B 151 12.96 30.18 0.88
C PHE B 151 12.32 31.54 1.05
N VAL B 152 12.90 32.36 1.93
CA VAL B 152 12.45 33.74 2.08
C VAL B 152 12.44 34.44 0.74
N GLN B 153 13.46 34.20 -0.08
CA GLN B 153 13.47 34.63 -1.47
C GLN B 153 14.37 33.67 -2.24
N SER B 154 13.97 33.35 -3.47
CA SER B 154 14.57 32.24 -4.22
C SER B 154 15.25 32.71 -5.50
N ASP B 155 15.81 33.91 -5.50
CA ASP B 155 16.60 34.35 -6.65
C ASP B 155 17.80 33.46 -6.83
N TYR B 156 18.17 33.22 -8.09
CA TYR B 156 19.28 32.35 -8.41
C TYR B 156 20.20 33.04 -9.42
N THR B 157 21.42 32.52 -9.52
CA THR B 157 22.39 32.94 -10.52
C THR B 157 22.74 31.72 -11.37
N GLU B 158 22.25 31.70 -12.61
CA GLU B 158 22.54 30.58 -13.50
C GLU B 158 23.99 30.62 -13.95
N ALA B 159 24.57 29.44 -14.13
CA ALA B 159 25.98 29.33 -14.53
C ALA B 159 26.19 27.96 -15.16
N TYR B 160 26.70 27.94 -16.38
CA TYR B 160 26.97 26.69 -17.07
C TYR B 160 28.17 26.00 -16.44
N ASN B 161 27.95 24.77 -15.94
CA ASN B 161 28.88 23.94 -15.21
C ASN B 161 29.71 23.07 -16.16
N PRO B 162 31.02 22.93 -15.93
CA PRO B 162 31.84 21.98 -16.69
C PRO B 162 31.49 20.53 -16.38
N ARG B 166 26.01 21.65 -19.08
CA ARG B 166 24.69 21.97 -18.56
C ARG B 166 24.71 23.30 -17.82
N ASP B 167 23.53 23.81 -17.48
CA ASP B 167 23.38 25.05 -16.74
C ASP B 167 22.87 24.75 -15.34
N GLU B 168 23.42 25.45 -14.35
CA GLU B 168 23.11 25.21 -12.94
C GLU B 168 22.69 26.49 -12.25
N ARG B 169 21.64 26.41 -11.44
CA ARG B 169 21.18 27.53 -10.65
C ARG B 169 21.82 27.50 -9.26
N THR B 170 21.92 28.68 -8.64
CA THR B 170 22.54 28.80 -7.33
C THR B 170 21.87 29.94 -6.57
N LEU B 171 21.50 29.67 -5.32
CA LEU B 171 20.73 30.62 -4.54
C LEU B 171 21.60 31.79 -4.08
N ILE B 172 21.06 33.00 -4.22
CA ILE B 172 21.76 34.17 -3.71
C ILE B 172 21.58 34.29 -2.20
N ASN B 173 20.45 33.87 -1.68
CA ASN B 173 20.15 33.96 -0.25
C ASN B 173 19.37 32.73 0.20
N PRO B 174 19.99 31.83 0.95
CA PRO B 174 19.33 30.56 1.26
C PRO B 174 18.55 30.56 2.56
N ASP B 175 18.09 31.73 3.01
CA ASP B 175 17.28 31.79 4.22
C ASP B 175 15.95 31.08 4.00
N ILE B 176 15.45 30.40 5.03
CA ILE B 176 14.26 29.57 4.90
C ILE B 176 13.26 29.92 5.99
N LYS B 177 12.04 29.38 5.83
CA LYS B 177 10.99 29.46 6.83
C LYS B 177 10.19 28.17 6.81
N VAL B 178 9.49 27.91 7.91
CA VAL B 178 8.69 26.70 8.05
C VAL B 178 7.22 27.06 7.91
N VAL B 179 6.49 26.27 7.11
CA VAL B 179 5.07 26.53 6.85
C VAL B 179 4.25 25.30 7.22
N ASP B 180 2.93 25.40 7.12
CA ASP B 180 2.01 24.30 7.32
C ASP B 180 2.00 23.80 8.76
N PHE B 181 1.02 24.25 9.54
CA PHE B 181 0.89 23.83 10.92
C PHE B 181 -0.48 23.21 11.18
N GLY B 182 -1.05 22.57 10.16
CA GLY B 182 -2.33 21.92 10.33
C GLY B 182 -2.26 20.59 11.05
N SER B 183 -1.07 20.06 11.26
CA SER B 183 -0.89 18.84 12.02
C SER B 183 -0.15 19.06 13.33
N ALA B 184 0.40 20.25 13.56
CA ALA B 184 1.12 20.53 14.79
C ALA B 184 0.27 20.19 16.00
N THR B 185 0.88 19.53 16.99
CA THR B 185 0.16 19.00 18.13
C THR B 185 0.81 19.47 19.42
N TYR B 186 -0.02 19.91 20.37
CA TYR B 186 0.47 20.30 21.68
C TYR B 186 0.63 19.08 22.58
N ASP B 187 1.43 19.24 23.63
CA ASP B 187 1.61 18.14 24.58
C ASP B 187 0.30 17.82 25.29
N ASP B 188 -0.58 18.81 25.46
CA ASP B 188 -1.86 18.54 26.08
C ASP B 188 -2.71 17.61 25.23
N GLU B 189 -2.70 17.81 23.92
CA GLU B 189 -3.67 17.17 23.05
C GLU B 189 -3.37 15.68 22.89
N HIS B 190 -4.40 14.93 22.52
CA HIS B 190 -4.26 13.49 22.32
C HIS B 190 -3.40 13.23 21.09
N HIS B 191 -2.25 12.61 21.30
CA HIS B 191 -1.37 12.24 20.20
C HIS B 191 -1.93 10.99 19.54
N SER B 192 -2.66 11.17 18.46
CA SER B 192 -3.25 10.05 17.75
C SER B 192 -2.17 9.12 17.20
N THR B 193 -2.36 7.81 17.41
CA THR B 193 -1.49 6.84 16.76
C THR B 193 -1.81 6.65 15.29
N LEU B 194 -2.91 7.22 14.81
CA LEU B 194 -3.24 7.20 13.38
C LEU B 194 -2.68 8.46 12.73
N VAL B 195 -1.79 8.29 11.76
CA VAL B 195 -1.19 9.42 11.08
C VAL B 195 -1.38 9.34 9.57
N ARG B 198 4.38 11.21 4.54
CA ARG B 198 4.37 9.75 4.50
C ARG B 198 5.72 9.18 4.09
N HIS B 199 6.45 9.89 3.21
CA HIS B 199 7.85 9.56 2.97
C HIS B 199 8.66 9.69 4.25
N TYR B 200 8.32 10.68 5.07
CA TYR B 200 9.11 11.07 6.22
C TYR B 200 8.43 10.62 7.51
N ARG B 201 7.95 9.39 7.51
CA ARG B 201 7.33 8.81 8.69
C ARG B 201 8.40 8.15 9.56
N ALA B 202 8.41 8.49 10.85
CA ALA B 202 9.38 7.91 11.76
C ALA B 202 9.03 6.45 12.03
N PRO B 203 10.02 5.63 12.40
CA PRO B 203 9.71 4.22 12.70
C PRO B 203 8.72 4.05 13.84
N GLU B 204 8.78 4.89 14.87
CA GLU B 204 7.83 4.77 15.96
C GLU B 204 6.44 5.22 15.56
N VAL B 205 6.27 5.78 14.37
CA VAL B 205 4.95 6.16 13.87
C VAL B 205 4.34 5.04 13.06
N ILE B 206 5.12 4.39 12.20
CA ILE B 206 4.64 3.24 11.46
C ILE B 206 4.28 2.11 12.41
N LEU B 207 5.15 1.83 13.39
CA LEU B 207 4.88 0.76 14.34
C LEU B 207 3.81 1.14 15.36
N ALA B 208 3.27 2.35 15.28
CA ALA B 208 2.18 2.79 16.16
C ALA B 208 2.56 2.65 17.63
N LEU B 209 3.79 3.02 17.96
CA LEU B 209 4.30 2.94 19.32
C LEU B 209 4.07 4.21 20.12
N GLY B 210 3.39 5.20 19.57
CA GLY B 210 3.27 6.48 20.23
C GLY B 210 4.42 7.37 19.83
N TRP B 211 4.19 8.67 19.66
CA TRP B 211 5.19 9.57 19.11
C TRP B 211 5.21 10.88 19.89
N SER B 212 6.23 11.68 19.59
CA SER B 212 6.40 12.95 20.27
C SER B 212 7.38 13.81 19.45
N GLN B 213 8.07 14.73 20.13
CA GLN B 213 9.05 15.57 19.45
C GLN B 213 10.12 14.81 18.68
N PRO B 214 10.68 13.68 19.18
CA PRO B 214 11.74 13.01 18.42
C PRO B 214 11.37 12.67 16.99
N CYS B 215 10.08 12.53 16.67
CA CYS B 215 9.71 12.18 15.31
C CYS B 215 9.97 13.32 14.35
N ASP B 216 10.02 14.56 14.83
CA ASP B 216 10.43 15.65 13.96
C ASP B 216 11.91 15.56 13.62
N VAL B 217 12.72 15.06 14.54
CA VAL B 217 14.16 14.88 14.30
C VAL B 217 14.38 13.85 13.20
N TRP B 218 13.59 12.78 13.20
CA TRP B 218 13.69 11.80 12.12
C TRP B 218 13.40 12.45 10.77
N SER B 219 12.34 13.25 10.71
CA SER B 219 11.95 13.86 9.43
C SER B 219 13.02 14.83 8.94
N ILE B 220 13.55 15.66 9.84
CA ILE B 220 14.65 16.55 9.46
C ILE B 220 15.82 15.77 8.88
N GLY B 221 16.06 14.56 9.38
CA GLY B 221 17.16 13.77 8.85
C GLY B 221 16.96 13.39 7.40
N CYS B 222 15.73 13.05 7.01
CA CYS B 222 15.47 12.68 5.63
C CYS B 222 15.51 13.87 4.71
N ILE B 223 15.15 15.05 5.21
CA ILE B 223 15.20 16.26 4.39
C ILE B 223 16.64 16.58 4.02
N LEU B 224 17.56 16.43 4.96
CA LEU B 224 18.96 16.76 4.70
C LEU B 224 19.55 15.84 3.64
N ILE B 225 19.24 14.55 3.69
CA ILE B 225 19.79 13.64 2.70
C ILE B 225 19.13 13.85 1.35
N GLU B 226 17.87 14.31 1.33
CA GLU B 226 17.27 14.72 0.07
C GLU B 226 17.97 15.95 -0.50
N TYR B 227 18.27 16.92 0.35
CA TYR B 227 19.06 18.06 -0.10
C TYR B 227 20.44 17.63 -0.57
N TYR B 228 20.98 16.56 -0.01
CA TYR B 228 22.32 16.13 -0.35
C TYR B 228 22.35 15.30 -1.62
N LEU B 229 21.36 14.44 -1.82
CA LEU B 229 21.36 13.56 -2.98
C LEU B 229 20.46 14.04 -4.11
N GLY B 230 19.48 14.88 -3.82
CA GLY B 230 18.54 15.32 -4.82
C GLY B 230 17.32 14.46 -4.98
N PHE B 231 17.17 13.42 -4.16
CA PHE B 231 16.03 12.53 -4.25
C PHE B 231 15.82 11.85 -2.90
N THR B 232 14.67 11.20 -2.75
CA THR B 232 14.34 10.53 -1.52
C THR B 232 15.07 9.22 -1.41
N VAL B 233 15.54 8.91 -0.20
CA VAL B 233 16.16 7.60 0.02
C VAL B 233 15.11 6.55 0.33
N PHE B 234 13.90 6.97 0.69
CA PHE B 234 12.75 6.09 0.84
C PHE B 234 11.71 6.39 -0.23
N PRO B 235 11.93 6.00 -1.47
CA PRO B 235 10.93 6.34 -2.51
C PRO B 235 9.84 5.29 -2.63
N THR B 236 8.94 5.28 -1.65
CA THR B 236 7.87 4.28 -1.62
C THR B 236 6.63 4.86 -0.96
N HIS B 237 5.55 4.07 -0.98
CA HIS B 237 4.29 4.49 -0.37
C HIS B 237 3.59 3.36 0.38
N ASP B 238 4.26 2.24 0.64
CA ASP B 238 3.70 1.13 1.41
C ASP B 238 4.46 0.98 2.71
N SER B 239 3.73 0.64 3.78
CA SER B 239 4.36 0.55 5.09
C SER B 239 5.43 -0.54 5.13
N LYS B 240 5.09 -1.74 4.63
CA LYS B 240 6.05 -2.83 4.71
C LYS B 240 7.27 -2.55 3.84
N GLU B 241 7.04 -2.04 2.63
CA GLU B 241 8.16 -1.70 1.76
C GLU B 241 9.03 -0.62 2.39
N HIS B 242 8.41 0.35 3.06
CA HIS B 242 9.17 1.41 3.72
C HIS B 242 10.02 0.83 4.85
N LEU B 243 9.46 -0.09 5.63
CA LEU B 243 10.25 -0.74 6.67
C LEU B 243 11.38 -1.56 6.06
N ALA B 244 11.12 -2.17 4.90
CA ALA B 244 12.17 -2.94 4.24
C ALA B 244 13.32 -2.04 3.82
N MET B 245 13.00 -0.83 3.36
CA MET B 245 14.05 0.09 2.95
C MET B 245 14.84 0.63 4.12
N MET B 246 14.23 0.66 5.31
CA MET B 246 14.96 1.12 6.48
C MET B 246 16.02 0.13 6.89
N GLU B 247 15.73 -1.17 6.76
CA GLU B 247 16.69 -2.19 7.20
C GLU B 247 17.88 -2.28 6.28
N ARG B 248 17.71 -2.00 4.99
CA ARG B 248 18.84 -2.03 4.08
C ARG B 248 19.70 -0.78 4.18
N ILE B 249 19.19 0.30 4.75
CA ILE B 249 19.93 1.56 4.76
C ILE B 249 20.47 1.84 6.16
N LEU B 250 19.73 1.44 7.18
CA LEU B 250 20.13 1.70 8.55
C LEU B 250 20.40 0.46 9.38
N GLY B 251 19.97 -0.71 8.95
CA GLY B 251 20.19 -1.92 9.71
C GLY B 251 18.92 -2.50 10.29
N PRO B 252 19.03 -3.65 10.94
CA PRO B 252 17.85 -4.29 11.52
C PRO B 252 17.23 -3.45 12.62
N LEU B 253 15.91 -3.54 12.73
CA LEU B 253 15.18 -2.77 13.71
C LEU B 253 15.48 -3.27 15.11
N PRO B 254 15.28 -2.42 16.12
CA PRO B 254 15.49 -2.86 17.50
C PRO B 254 14.49 -3.94 17.89
N LYS B 255 14.98 -4.96 18.59
CA LYS B 255 14.12 -6.06 18.99
C LYS B 255 13.02 -5.58 19.93
N HIS B 256 13.37 -4.73 20.90
CA HIS B 256 12.39 -4.30 21.88
C HIS B 256 11.28 -3.46 21.26
N MET B 257 11.53 -2.82 20.12
CA MET B 257 10.44 -2.19 19.39
C MET B 257 9.69 -3.20 18.53
N ILE B 258 10.37 -4.27 18.09
CA ILE B 258 9.73 -5.23 17.20
C ILE B 258 8.62 -5.98 17.92
N GLN B 259 8.70 -6.09 19.24
CA GLN B 259 7.71 -6.86 20.01
C GLN B 259 6.71 -5.98 20.74
N LYS B 260 7.07 -4.76 21.09
CA LYS B 260 6.10 -3.85 21.70
C LYS B 260 5.13 -3.26 20.68
N THR B 261 5.36 -3.47 19.40
CA THR B 261 4.49 -2.87 18.39
C THR B 261 3.11 -3.50 18.41
N ARG B 262 2.15 -2.75 17.87
CA ARG B 262 0.80 -3.25 17.70
C ARG B 262 0.59 -3.91 16.35
N LYS B 263 1.34 -3.50 15.33
CA LYS B 263 1.14 -4.01 13.97
C LYS B 263 2.03 -5.23 13.74
N ARG B 264 1.69 -6.30 14.44
CA ARG B 264 2.38 -7.57 14.25
C ARG B 264 2.07 -8.20 12.89
N LYS B 265 1.21 -7.56 12.08
CA LYS B 265 0.94 -8.05 10.74
C LYS B 265 2.16 -7.96 9.83
N TYR B 266 3.17 -7.17 10.23
CA TYR B 266 4.36 -7.00 9.42
C TYR B 266 5.46 -8.00 9.75
N PHE B 267 5.26 -8.87 10.74
CA PHE B 267 6.36 -9.64 11.31
C PHE B 267 6.03 -11.13 11.36
N HIS B 268 7.05 -11.90 11.71
CA HIS B 268 6.92 -13.34 11.93
C HIS B 268 8.07 -13.76 12.84
N HIS B 269 7.79 -13.89 14.13
CA HIS B 269 8.77 -14.26 15.14
C HIS B 269 9.90 -13.23 15.21
N ASP B 270 9.52 -12.01 15.57
CA ASP B 270 10.44 -10.88 15.77
C ASP B 270 11.29 -10.57 14.55
N ARG B 271 10.87 -11.06 13.38
CA ARG B 271 11.59 -10.82 12.13
C ARG B 271 10.62 -10.33 11.08
N LEU B 272 11.07 -9.36 10.28
CA LEU B 272 10.21 -8.75 9.28
C LEU B 272 9.75 -9.78 8.24
N ASP B 273 8.49 -9.68 7.83
CA ASP B 273 7.91 -10.60 6.85
C ASP B 273 7.97 -9.99 5.45
N TRP B 274 9.19 -9.88 4.96
CA TRP B 274 9.48 -9.29 3.65
C TRP B 274 10.25 -10.31 2.81
N ASP B 275 9.79 -10.53 1.58
CA ASP B 275 10.41 -11.49 0.68
C ASP B 275 11.49 -10.77 -0.11
N GLU B 276 12.75 -10.98 0.26
CA GLU B 276 13.85 -10.38 -0.50
C GLU B 276 13.89 -10.91 -1.93
N HIS B 277 13.47 -12.15 -2.14
CA HIS B 277 13.55 -12.77 -3.46
C HIS B 277 12.36 -12.45 -4.34
N SER B 278 11.45 -11.58 -3.88
CA SER B 278 10.24 -11.30 -4.63
C SER B 278 10.50 -10.19 -5.64
N SER B 279 9.42 -9.61 -6.17
CA SER B 279 9.56 -8.53 -7.14
C SER B 279 10.08 -7.27 -6.46
N ALA B 280 9.34 -6.74 -5.49
CA ALA B 280 9.77 -5.53 -4.80
C ALA B 280 11.03 -5.75 -3.99
N GLY B 281 11.25 -6.99 -3.53
CA GLY B 281 12.47 -7.27 -2.79
C GLY B 281 13.72 -7.02 -3.62
N ARG B 282 13.62 -7.15 -4.94
CA ARG B 282 14.76 -6.86 -5.80
C ARG B 282 14.88 -5.36 -6.05
N TYR B 283 13.75 -4.66 -6.18
CA TYR B 283 13.79 -3.23 -6.38
C TYR B 283 14.37 -2.51 -5.17
N VAL B 284 14.19 -3.08 -3.98
CA VAL B 284 14.72 -2.46 -2.77
C VAL B 284 16.24 -2.47 -2.80
N SER B 285 16.83 -3.65 -2.96
CA SER B 285 18.28 -3.79 -2.89
C SER B 285 19.01 -3.14 -4.06
N ARG B 286 18.28 -2.62 -5.05
CA ARG B 286 18.94 -1.88 -6.12
C ARG B 286 19.10 -0.40 -5.77
N ALA B 287 18.10 0.17 -5.09
CA ALA B 287 18.10 1.57 -4.72
C ALA B 287 18.15 1.76 -3.21
N CYS B 288 18.74 0.80 -2.49
CA CYS B 288 18.90 0.91 -1.04
C CYS B 288 20.22 0.28 -0.65
N LYS B 289 21.20 1.10 -0.33
CA LYS B 289 22.50 0.72 0.19
C LYS B 289 22.58 1.10 1.66
N PRO B 290 23.61 0.65 2.37
CA PRO B 290 23.89 1.22 3.69
C PRO B 290 24.04 2.74 3.57
N LEU B 291 23.66 3.43 4.65
CA LEU B 291 23.54 4.89 4.60
C LEU B 291 24.82 5.54 4.11
N LYS B 292 25.96 5.11 4.64
CA LYS B 292 27.23 5.78 4.32
C LYS B 292 27.60 5.67 2.85
N GLU B 293 27.11 4.64 2.15
CA GLU B 293 27.50 4.45 0.76
C GLU B 293 26.89 5.47 -0.19
N PHE B 294 26.07 6.40 0.31
CA PHE B 294 25.52 7.45 -0.53
C PHE B 294 26.40 8.69 -0.61
N MET B 295 27.43 8.78 0.23
CA MET B 295 28.27 9.96 0.27
C MET B 295 28.98 10.19 -1.06
N LEU B 296 28.83 11.38 -1.61
CA LEU B 296 29.46 11.71 -2.87
C LEU B 296 30.95 12.03 -2.74
N SER B 297 31.44 12.17 -1.52
CA SER B 297 32.83 12.54 -1.28
C SER B 297 33.26 11.99 0.07
N GLN B 298 34.56 12.03 0.30
CA GLN B 298 35.14 11.59 1.56
C GLN B 298 35.67 12.74 2.41
N ASP B 299 35.60 13.97 1.89
CA ASP B 299 36.06 15.13 2.63
C ASP B 299 35.42 15.16 4.02
N VAL B 300 36.16 15.73 4.98
CA VAL B 300 35.72 15.64 6.36
C VAL B 300 34.37 16.30 6.56
N GLU B 301 34.10 17.38 5.81
CA GLU B 301 32.83 18.08 5.98
C GLU B 301 31.67 17.20 5.58
N HIS B 302 31.81 16.45 4.49
CA HIS B 302 30.80 15.45 4.15
C HIS B 302 30.66 14.42 5.28
N GLU B 303 31.78 14.01 5.87
CA GLU B 303 31.71 13.05 6.96
C GLU B 303 31.06 13.66 8.20
N ARG B 304 31.11 14.99 8.33
CA ARG B 304 30.47 15.61 9.47
C ARG B 304 28.96 15.69 9.28
N LEU B 305 28.51 15.90 8.05
CA LEU B 305 27.08 15.90 7.78
C LEU B 305 26.48 14.53 8.11
N PHE B 306 27.08 13.47 7.59
CA PHE B 306 26.48 12.15 7.73
C PHE B 306 26.54 11.60 9.14
N ASP B 307 27.38 12.17 10.02
CA ASP B 307 27.30 11.80 11.42
C ASP B 307 26.06 12.40 12.06
N LEU B 308 25.70 13.63 11.66
CA LEU B 308 24.47 14.24 12.15
C LEU B 308 23.25 13.52 11.60
N ILE B 309 23.28 13.18 10.31
CA ILE B 309 22.16 12.45 9.72
C ILE B 309 21.95 11.12 10.42
N GLN B 310 23.05 10.38 10.63
CA GLN B 310 22.91 9.03 11.19
C GLN B 310 22.35 9.08 12.60
N LYS B 311 22.79 10.06 13.39
CA LYS B 311 22.21 10.21 14.72
C LYS B 311 20.76 10.66 14.63
N MET B 312 20.42 11.42 13.59
CA MET B 312 19.03 11.79 13.38
C MET B 312 18.19 10.60 12.94
N LEU B 313 18.78 9.66 12.21
CA LEU B 313 18.08 8.45 11.81
C LEU B 313 18.20 7.33 12.83
N GLU B 314 18.37 7.67 14.11
CA GLU B 314 18.36 6.67 15.17
C GLU B 314 16.96 6.06 15.29
N TYR B 315 16.91 4.76 15.53
CA TYR B 315 15.66 4.02 15.60
C TYR B 315 14.87 4.36 16.85
N ASP B 316 15.32 3.88 17.99
CA ASP B 316 14.65 4.17 19.25
C ASP B 316 14.53 5.67 19.44
N PRO B 317 13.32 6.23 19.51
CA PRO B 317 13.20 7.68 19.74
C PRO B 317 13.81 8.12 21.05
N ALA B 318 13.91 7.23 22.03
CA ALA B 318 14.52 7.59 23.30
C ALA B 318 16.02 7.77 23.15
N LYS B 319 16.64 7.13 22.16
CA LYS B 319 18.07 7.23 21.92
C LYS B 319 18.42 8.25 20.85
N ARG B 320 17.44 8.83 20.19
CA ARG B 320 17.70 9.72 19.07
C ARG B 320 18.20 11.08 19.56
N ILE B 321 19.07 11.71 18.77
CA ILE B 321 19.61 13.01 19.13
C ILE B 321 18.51 14.04 19.13
N THR B 322 18.53 14.94 20.12
CA THR B 322 17.55 16.00 20.18
C THR B 322 18.04 17.21 19.40
N LEU B 323 17.13 18.16 19.17
CA LEU B 323 17.47 19.31 18.36
C LEU B 323 18.26 20.34 19.13
N ARG B 324 18.13 20.34 20.46
CA ARG B 324 19.02 21.15 21.28
C ARG B 324 20.45 20.65 21.19
N GLU B 325 20.63 19.33 21.07
CA GLU B 325 21.96 18.76 20.91
C GLU B 325 22.49 19.01 19.51
N ALA B 326 21.69 18.70 18.48
CA ALA B 326 22.16 18.79 17.10
C ALA B 326 22.62 20.20 16.75
N LEU B 327 22.11 21.21 17.45
CA LEU B 327 22.53 22.58 17.18
C LEU B 327 23.97 22.84 17.59
N LYS B 328 24.57 21.95 18.36
CA LYS B 328 25.96 22.08 18.79
C LYS B 328 26.90 21.16 18.05
N HIS B 329 26.42 20.50 17.00
CA HIS B 329 27.20 19.49 16.30
C HIS B 329 28.38 20.13 15.56
N PRO B 330 29.46 19.38 15.36
CA PRO B 330 30.60 19.91 14.59
C PRO B 330 30.25 20.31 13.17
N PHE B 331 29.14 19.83 12.62
CA PHE B 331 28.75 20.22 11.28
C PHE B 331 28.47 21.72 11.19
N PHE B 332 28.17 22.34 12.31
CA PHE B 332 27.77 23.74 12.34
C PHE B 332 28.88 24.66 12.83
N ASP B 333 30.07 24.13 13.08
CA ASP B 333 31.15 24.95 13.61
C ASP B 333 31.67 25.97 12.60
N LEU B 334 31.43 25.76 11.31
CA LEU B 334 31.80 26.78 10.33
C LEU B 334 30.91 28.00 10.44
N LEU B 335 29.65 27.82 10.80
CA LEU B 335 28.72 28.94 10.88
C LEU B 335 28.95 29.83 12.07
N LYS B 336 30.01 29.60 12.84
CA LYS B 336 30.32 30.41 14.01
C LYS B 336 31.71 31.00 13.88
N LYS B 337 31.87 32.24 14.33
CA LYS B 337 33.14 32.94 14.30
C LYS B 337 33.84 32.82 15.65
N SER B 338 35.17 32.65 15.61
CA SER B 338 35.98 32.40 16.79
C SER B 338 35.47 31.19 17.56
N MET C 2 33.85 -12.69 -16.25
CA MET C 2 32.67 -13.09 -17.01
C MET C 2 33.06 -13.64 -18.37
N HIS C 3 33.85 -12.88 -19.13
CA HIS C 3 34.31 -13.36 -20.42
C HIS C 3 35.46 -14.35 -20.30
N LEU C 4 36.02 -14.53 -19.11
CA LEU C 4 37.06 -15.52 -18.89
C LEU C 4 36.54 -16.94 -18.88
N ILE C 5 35.23 -17.14 -19.00
CA ILE C 5 34.66 -18.48 -18.93
C ILE C 5 33.76 -18.73 -20.13
N CYS C 6 33.72 -17.80 -21.08
CA CYS C 6 32.81 -17.91 -22.20
C CYS C 6 33.48 -17.48 -23.50
N GLN C 7 34.68 -17.98 -23.74
CA GLN C 7 35.33 -17.84 -25.04
C GLN C 7 35.22 -19.15 -25.81
N SER C 8 35.28 -19.04 -27.13
CA SER C 8 35.05 -20.19 -28.00
C SER C 8 36.03 -21.31 -27.69
N GLY C 9 35.49 -22.46 -27.31
CA GLY C 9 36.32 -23.62 -27.01
C GLY C 9 36.05 -24.22 -25.65
N ASP C 10 35.62 -23.40 -24.69
CA ASP C 10 35.43 -23.86 -23.33
C ASP C 10 34.37 -24.96 -23.28
N VAL C 11 34.39 -25.72 -22.19
CA VAL C 11 33.45 -26.82 -21.97
C VAL C 11 32.74 -26.53 -20.65
N LEU C 12 31.51 -26.04 -20.73
CA LEU C 12 30.71 -25.80 -19.54
C LEU C 12 30.11 -27.12 -19.06
N SER C 13 30.22 -27.37 -17.76
CA SER C 13 29.55 -28.49 -17.10
C SER C 13 29.88 -29.83 -17.73
N ALA C 14 31.08 -29.94 -18.29
CA ALA C 14 31.56 -31.17 -18.91
C ALA C 14 30.55 -31.70 -19.94
N ARG C 15 30.07 -30.81 -20.80
CA ARG C 15 28.99 -31.19 -21.69
C ARG C 15 28.88 -30.27 -22.91
N TYR C 16 28.93 -28.96 -22.69
CA TYR C 16 28.61 -27.98 -23.72
C TYR C 16 29.90 -27.31 -24.19
N GLU C 17 30.16 -27.37 -25.49
CA GLU C 17 31.34 -26.75 -26.11
C GLU C 17 30.92 -25.44 -26.76
N ILE C 18 31.43 -24.32 -26.24
CA ILE C 18 31.06 -23.02 -26.76
C ILE C 18 31.51 -22.89 -28.20
N VAL C 19 30.66 -22.28 -29.03
CA VAL C 19 30.87 -22.17 -30.47
C VAL C 19 30.85 -20.72 -30.94
N ASP C 20 29.88 -19.94 -30.47
CA ASP C 20 29.73 -18.56 -30.90
C ASP C 20 29.01 -17.78 -29.83
N THR C 21 29.12 -16.45 -29.91
CA THR C 21 28.43 -15.54 -29.00
C THR C 21 27.14 -15.08 -29.66
N LEU C 22 26.02 -15.30 -28.98
CA LEU C 22 24.72 -14.95 -29.56
C LEU C 22 24.25 -13.56 -29.16
N GLY C 23 24.60 -13.10 -27.97
CA GLY C 23 24.19 -11.78 -27.51
C GLY C 23 24.81 -11.41 -26.18
N GLU C 24 24.96 -10.12 -25.93
CA GLU C 24 25.55 -9.63 -24.69
C GLU C 24 24.57 -8.68 -23.99
N GLY C 25 25.02 -8.14 -22.87
CA GLY C 25 24.21 -7.21 -22.12
C GLY C 25 24.78 -7.05 -20.73
N ALA C 26 24.12 -6.19 -19.95
CA ALA C 26 24.50 -6.03 -18.55
C ALA C 26 24.20 -7.29 -17.76
N PHE C 27 23.23 -8.08 -18.21
CA PHE C 27 22.88 -9.32 -17.53
C PHE C 27 24.00 -10.34 -17.63
N GLY C 28 24.81 -10.26 -18.67
CA GLY C 28 25.75 -11.32 -18.98
C GLY C 28 25.78 -11.52 -20.48
N LYS C 29 25.88 -12.77 -20.92
CA LYS C 29 25.83 -13.00 -22.36
C LYS C 29 25.34 -14.42 -22.62
N VAL C 30 24.94 -14.66 -23.86
CA VAL C 30 24.39 -15.93 -24.30
C VAL C 30 25.26 -16.47 -25.42
N VAL C 31 25.61 -17.77 -25.33
CA VAL C 31 26.48 -18.40 -26.31
C VAL C 31 25.80 -19.65 -26.87
N GLU C 32 26.22 -20.02 -28.07
CA GLU C 32 25.76 -21.24 -28.72
C GLU C 32 26.76 -22.35 -28.49
N CYS C 33 26.28 -23.50 -28.03
CA CYS C 33 27.13 -24.62 -27.64
C CYS C 33 26.72 -25.90 -28.36
N ILE C 34 27.60 -26.88 -28.32
CA ILE C 34 27.33 -28.22 -28.81
C ILE C 34 27.16 -29.13 -27.59
N ASP C 35 26.03 -29.84 -27.54
CA ASP C 35 25.76 -30.76 -26.45
C ASP C 35 26.33 -32.11 -26.85
N HIS C 36 27.53 -32.41 -26.37
CA HIS C 36 28.16 -33.68 -26.67
C HIS C 36 27.50 -34.84 -25.95
N LYS C 37 26.63 -34.59 -24.99
CA LYS C 37 25.87 -35.62 -24.30
C LYS C 37 24.46 -35.74 -24.84
N ALA C 38 24.22 -35.25 -26.06
CA ALA C 38 22.91 -35.31 -26.69
C ALA C 38 23.08 -35.26 -28.20
N GLY C 39 23.92 -36.14 -28.72
CA GLY C 39 24.02 -36.30 -30.16
C GLY C 39 24.63 -35.12 -30.89
N GLY C 40 25.26 -34.21 -30.17
CA GLY C 40 25.83 -33.03 -30.80
C GLY C 40 24.84 -31.94 -31.12
N ARG C 41 23.71 -31.89 -30.42
CA ARG C 41 22.68 -30.91 -30.70
C ARG C 41 23.10 -29.53 -30.21
N HIS C 42 22.96 -28.53 -31.07
CA HIS C 42 23.30 -27.16 -30.70
C HIS C 42 22.24 -26.57 -29.80
N VAL C 43 22.67 -25.82 -28.79
CA VAL C 43 21.80 -25.20 -27.81
C VAL C 43 22.34 -23.79 -27.52
N ALA C 44 21.63 -23.06 -26.68
CA ALA C 44 22.05 -21.75 -26.24
C ALA C 44 22.11 -21.74 -24.72
N VAL C 45 23.18 -21.15 -24.18
CA VAL C 45 23.40 -21.08 -22.75
C VAL C 45 23.42 -19.61 -22.34
N LYS C 46 22.58 -19.25 -21.39
CA LYS C 46 22.59 -17.92 -20.82
C LYS C 46 23.52 -17.93 -19.62
N ILE C 47 24.64 -17.23 -19.73
CA ILE C 47 25.62 -17.11 -18.66
C ILE C 47 25.39 -15.79 -17.96
N VAL C 48 25.00 -15.85 -16.69
CA VAL C 48 24.60 -14.67 -15.94
C VAL C 48 25.80 -14.12 -15.16
N LYS C 49 25.87 -12.80 -15.05
CA LYS C 49 26.91 -12.17 -14.26
C LYS C 49 26.84 -12.60 -12.81
N ASN C 50 27.98 -12.60 -12.15
CA ASN C 50 28.05 -12.88 -10.71
C ASN C 50 27.80 -11.57 -9.95
N VAL C 51 26.57 -11.08 -10.09
CA VAL C 51 26.12 -9.87 -9.41
C VAL C 51 24.80 -10.20 -8.73
N ASP C 52 24.65 -9.72 -7.48
CA ASP C 52 23.45 -10.02 -6.71
C ASP C 52 22.18 -9.51 -7.37
N ARG C 53 22.28 -8.53 -8.27
CA ARG C 53 21.10 -8.06 -8.98
C ARG C 53 20.60 -9.10 -9.97
N TYR C 54 21.48 -9.55 -10.86
CA TYR C 54 21.09 -10.52 -11.88
C TYR C 54 21.15 -11.95 -11.39
N CYS C 55 21.90 -12.24 -10.32
CA CYS C 55 21.79 -13.55 -9.70
C CYS C 55 20.42 -13.76 -9.10
N GLU C 56 19.75 -12.68 -8.72
CA GLU C 56 18.43 -12.80 -8.15
C GLU C 56 17.36 -12.97 -9.22
N ALA C 57 17.51 -12.26 -10.34
CA ALA C 57 16.56 -12.39 -11.43
C ALA C 57 16.68 -13.73 -12.12
N ALA C 58 17.90 -14.29 -12.18
CA ALA C 58 18.09 -15.58 -12.82
C ALA C 58 17.44 -16.70 -12.01
N ARG C 59 17.51 -16.61 -10.68
CA ARG C 59 16.81 -17.59 -9.85
C ARG C 59 15.31 -17.47 -10.03
N SER C 60 14.82 -16.24 -10.18
CA SER C 60 13.40 -16.05 -10.39
C SER C 60 12.96 -16.62 -11.73
N GLU C 61 13.76 -16.38 -12.78
CA GLU C 61 13.39 -16.86 -14.10
C GLU C 61 13.32 -18.37 -14.15
N ILE C 62 14.17 -19.06 -13.38
CA ILE C 62 14.15 -20.52 -13.39
C ILE C 62 12.85 -21.04 -12.78
N GLN C 63 12.42 -20.47 -11.66
CA GLN C 63 11.18 -20.90 -11.04
C GLN C 63 10.02 -20.79 -12.03
N VAL C 64 9.93 -19.65 -12.72
CA VAL C 64 8.84 -19.45 -13.66
C VAL C 64 8.94 -20.44 -14.80
N LEU C 65 10.15 -20.61 -15.35
CA LEU C 65 10.31 -21.50 -16.50
C LEU C 65 10.11 -22.95 -16.12
N GLU C 66 10.31 -23.31 -14.85
CA GLU C 66 9.96 -24.64 -14.42
C GLU C 66 8.45 -24.80 -14.36
N HIS C 67 7.74 -23.75 -13.96
CA HIS C 67 6.28 -23.81 -13.88
C HIS C 67 5.66 -23.88 -15.26
N LEU C 68 6.20 -23.12 -16.21
CA LEU C 68 5.61 -23.07 -17.54
C LEU C 68 5.77 -24.40 -18.27
N ASN C 69 7.00 -24.92 -18.33
CA ASN C 69 7.23 -26.16 -19.05
C ASN C 69 6.48 -27.34 -18.41
N THR C 70 6.11 -27.23 -17.14
CA THR C 70 5.20 -28.20 -16.56
C THR C 70 3.79 -28.00 -17.09
N THR C 71 3.33 -26.75 -17.14
CA THR C 71 2.00 -26.47 -17.65
C THR C 71 1.90 -26.77 -19.14
N ASP C 72 2.85 -26.27 -19.93
CA ASP C 72 2.85 -26.44 -21.38
C ASP C 72 4.12 -27.19 -21.77
N PRO C 73 4.10 -28.52 -21.76
CA PRO C 73 5.31 -29.26 -22.11
C PRO C 73 5.64 -29.23 -23.59
N ASN C 74 4.64 -29.13 -24.47
CA ASN C 74 4.86 -29.14 -25.91
C ASN C 74 5.24 -27.78 -26.47
N SER C 75 5.32 -26.74 -25.64
CA SER C 75 5.56 -25.37 -26.09
C SER C 75 4.52 -24.95 -27.13
N THR C 76 3.27 -25.36 -26.89
CA THR C 76 2.18 -24.96 -27.77
C THR C 76 2.06 -23.45 -27.86
N PHE C 77 2.35 -22.74 -26.78
CA PHE C 77 2.13 -21.30 -26.70
C PHE C 77 3.43 -20.49 -26.82
N ARG C 78 4.47 -21.08 -27.42
CA ARG C 78 5.59 -20.33 -27.97
C ARG C 78 6.39 -19.57 -26.91
N CYS C 79 6.55 -20.17 -25.74
CA CYS C 79 7.54 -19.72 -24.77
C CYS C 79 8.80 -20.57 -24.90
N VAL C 80 9.93 -19.99 -24.52
CA VAL C 80 11.21 -20.66 -24.76
C VAL C 80 11.37 -21.86 -23.84
N GLN C 81 11.88 -22.95 -24.39
CA GLN C 81 12.04 -24.20 -23.65
C GLN C 81 13.34 -24.17 -22.85
N MET C 82 13.23 -24.25 -21.53
CA MET C 82 14.39 -24.42 -20.67
C MET C 82 14.73 -25.89 -20.57
N LEU C 83 15.99 -26.23 -20.77
CA LEU C 83 16.42 -27.62 -20.81
C LEU C 83 17.12 -28.08 -19.54
N GLU C 84 17.92 -27.20 -18.93
CA GLU C 84 18.74 -27.53 -17.77
C GLU C 84 19.38 -26.24 -17.28
N TRP C 85 19.60 -26.15 -15.96
CA TRP C 85 20.33 -25.05 -15.38
C TRP C 85 21.38 -25.58 -14.41
N PHE C 86 22.62 -25.07 -14.55
CA PHE C 86 23.75 -25.53 -13.77
C PHE C 86 24.60 -24.36 -13.33
N GLU C 87 25.37 -24.55 -12.27
CA GLU C 87 26.31 -23.55 -11.78
C GLU C 87 27.68 -23.85 -12.34
N HIS C 88 28.35 -22.82 -12.85
CA HIS C 88 29.67 -22.98 -13.47
C HIS C 88 30.56 -21.83 -13.04
N HIS C 89 31.56 -22.13 -12.20
CA HIS C 89 32.50 -21.13 -11.69
C HIS C 89 31.75 -20.01 -10.98
N GLY C 90 30.81 -20.39 -10.11
CA GLY C 90 30.03 -19.41 -9.37
C GLY C 90 29.15 -18.54 -10.22
N HIS C 91 28.76 -19.03 -11.40
CA HIS C 91 27.91 -18.31 -12.34
C HIS C 91 26.73 -19.18 -12.68
N ILE C 92 25.53 -18.61 -12.64
CA ILE C 92 24.32 -19.32 -12.99
C ILE C 92 24.22 -19.42 -14.51
N CYS C 93 23.94 -20.62 -15.01
CA CYS C 93 23.80 -20.86 -16.43
C CYS C 93 22.47 -21.53 -16.69
N ILE C 94 21.77 -21.08 -17.73
CA ILE C 94 20.49 -21.63 -18.12
C ILE C 94 20.59 -22.09 -19.57
N VAL C 95 20.27 -23.35 -19.81
CA VAL C 95 20.31 -23.91 -21.16
C VAL C 95 18.93 -23.76 -21.78
N PHE C 96 18.88 -23.13 -22.94
CA PHE C 96 17.66 -22.96 -23.70
C PHE C 96 17.75 -23.70 -25.02
N GLU C 97 16.59 -23.93 -25.62
CA GLU C 97 16.57 -24.38 -27.01
C GLU C 97 17.15 -23.30 -27.90
N LEU C 98 17.79 -23.71 -29.00
CA LEU C 98 18.47 -22.76 -29.87
C LEU C 98 17.45 -22.06 -30.77
N LEU C 99 17.38 -20.74 -30.67
CA LEU C 99 16.54 -19.90 -31.52
C LEU C 99 17.43 -18.97 -32.33
N GLY C 100 16.82 -18.18 -33.19
CA GLY C 100 17.53 -17.30 -34.09
C GLY C 100 17.56 -15.86 -33.62
N LEU C 101 17.60 -14.94 -34.58
CA LEU C 101 17.68 -13.52 -34.28
C LEU C 101 16.50 -13.05 -33.46
N SER C 102 16.71 -11.98 -32.71
CA SER C 102 15.60 -11.26 -32.09
C SER C 102 15.03 -10.28 -33.09
N THR C 103 13.75 -9.95 -32.92
CA THR C 103 13.10 -9.04 -33.85
C THR C 103 13.77 -7.67 -33.85
N TYR C 104 14.39 -7.28 -32.73
CA TYR C 104 15.13 -6.02 -32.73
C TYR C 104 16.39 -6.12 -33.57
N ASP C 105 17.05 -7.28 -33.54
CA ASP C 105 18.28 -7.43 -34.30
C ASP C 105 18.00 -7.48 -35.79
N PHE C 106 16.95 -8.18 -36.20
CA PHE C 106 16.63 -8.25 -37.62
C PHE C 106 16.35 -6.86 -38.18
N ILE C 107 15.71 -5.99 -37.40
CA ILE C 107 15.42 -4.65 -37.87
C ILE C 107 16.69 -3.82 -37.98
N LYS C 108 17.52 -3.84 -36.93
CA LYS C 108 18.76 -3.08 -36.95
C LYS C 108 19.70 -3.57 -38.03
N GLU C 109 19.79 -4.90 -38.21
CA GLU C 109 20.63 -5.44 -39.27
C GLU C 109 20.12 -5.06 -40.64
N ASN C 110 18.81 -4.89 -40.78
CA ASN C 110 18.19 -4.57 -42.06
C ASN C 110 18.18 -3.07 -42.34
N GLY C 111 18.81 -2.25 -41.50
CA GLY C 111 18.81 -0.83 -41.72
C GLY C 111 17.60 -0.12 -41.16
N PHE C 112 17.05 -0.62 -40.06
CA PHE C 112 15.89 -0.02 -39.40
C PHE C 112 14.73 0.17 -40.37
N LEU C 113 14.37 -0.93 -41.02
CA LEU C 113 13.26 -1.01 -41.95
C LEU C 113 12.17 -1.92 -41.40
N PRO C 114 10.92 -1.62 -41.65
CA PRO C 114 9.81 -2.36 -41.04
C PRO C 114 9.62 -3.73 -41.69
N PHE C 115 8.70 -4.48 -41.13
CA PHE C 115 8.33 -5.78 -41.65
C PHE C 115 7.16 -5.67 -42.62
N ARG C 116 7.01 -6.69 -43.46
CA ARG C 116 5.81 -6.81 -44.27
C ARG C 116 4.59 -6.97 -43.36
N LEU C 117 3.45 -6.49 -43.83
CA LEU C 117 2.26 -6.56 -43.01
C LEU C 117 1.77 -7.98 -42.84
N ASP C 118 1.94 -8.82 -43.87
CA ASP C 118 1.51 -10.21 -43.75
C ASP C 118 2.40 -11.00 -42.83
N HIS C 119 3.59 -10.48 -42.51
CA HIS C 119 4.42 -11.03 -41.45
C HIS C 119 4.05 -10.46 -40.09
N ILE C 120 3.83 -9.14 -40.02
CA ILE C 120 3.39 -8.51 -38.79
C ILE C 120 2.13 -9.16 -38.27
N ARG C 121 1.26 -9.62 -39.17
CA ARG C 121 0.01 -10.24 -38.75
C ARG C 121 0.28 -11.53 -38.00
N LYS C 122 1.05 -12.44 -38.60
CA LYS C 122 1.32 -13.73 -37.95
C LYS C 122 2.13 -13.55 -36.68
N MET C 123 3.08 -12.61 -36.67
CA MET C 123 3.84 -12.34 -35.47
C MET C 123 2.95 -11.79 -34.37
N ALA C 124 2.14 -10.78 -34.68
CA ALA C 124 1.25 -10.20 -33.69
C ALA C 124 0.31 -11.23 -33.09
N TYR C 125 -0.15 -12.18 -33.91
CA TYR C 125 -1.04 -13.20 -33.37
C TYR C 125 -0.30 -14.13 -32.42
N GLN C 126 0.87 -14.62 -32.83
CA GLN C 126 1.63 -15.51 -31.96
C GLN C 126 2.05 -14.82 -30.68
N ILE C 127 2.43 -13.54 -30.77
CA ILE C 127 2.73 -12.77 -29.56
C ILE C 127 1.50 -12.71 -28.66
N CYS C 128 0.38 -12.25 -29.22
CA CYS C 128 -0.83 -12.10 -28.41
C CYS C 128 -1.26 -13.44 -27.82
N LYS C 129 -1.21 -14.50 -28.61
CA LYS C 129 -1.57 -15.81 -28.07
C LYS C 129 -0.58 -16.28 -27.02
N SER C 130 0.70 -15.95 -27.17
CA SER C 130 1.70 -16.44 -26.22
C SER C 130 1.64 -15.70 -24.91
N VAL C 131 1.50 -14.38 -24.94
CA VAL C 131 1.43 -13.63 -23.69
C VAL C 131 0.09 -13.86 -23.01
N ASN C 132 -0.97 -14.08 -23.79
CA ASN C 132 -2.26 -14.42 -23.19
C ASN C 132 -2.16 -15.68 -22.35
N PHE C 133 -1.32 -16.63 -22.76
CA PHE C 133 -1.09 -17.83 -21.97
C PHE C 133 -0.49 -17.49 -20.62
N LEU C 134 0.41 -16.51 -20.57
CA LEU C 134 0.93 -16.05 -19.29
C LEU C 134 -0.17 -15.46 -18.43
N HIS C 135 -1.02 -14.62 -19.02
CA HIS C 135 -2.06 -13.96 -18.26
C HIS C 135 -3.07 -14.95 -17.69
N SER C 136 -3.29 -16.06 -18.38
CA SER C 136 -4.20 -17.07 -17.89
C SER C 136 -3.63 -17.86 -16.72
N ASN C 137 -2.36 -17.65 -16.36
CA ASN C 137 -1.72 -18.34 -15.25
C ASN C 137 -1.26 -17.37 -14.18
N LYS C 138 -1.97 -16.25 -14.03
CA LYS C 138 -1.72 -15.27 -12.98
C LYS C 138 -0.31 -14.69 -13.06
N LEU C 139 0.09 -14.29 -14.26
CA LEU C 139 1.45 -13.84 -14.50
C LEU C 139 1.45 -12.63 -15.42
N THR C 140 2.48 -11.80 -15.25
CA THR C 140 2.71 -10.64 -16.12
C THR C 140 4.19 -10.57 -16.47
N HIS C 141 4.49 -10.50 -17.77
CA HIS C 141 5.89 -10.49 -18.23
C HIS C 141 6.59 -9.19 -17.83
N THR C 142 5.90 -8.06 -17.90
CA THR C 142 6.38 -6.74 -17.50
C THR C 142 7.47 -6.14 -18.39
N ASP C 143 8.22 -6.96 -19.11
CA ASP C 143 9.35 -6.46 -19.90
C ASP C 143 9.27 -6.96 -21.33
N LEU C 144 8.14 -6.72 -21.99
CA LEU C 144 7.96 -7.14 -23.37
C LEU C 144 8.53 -6.10 -24.31
N LYS C 145 9.39 -6.54 -25.22
CA LYS C 145 10.02 -5.64 -26.18
C LYS C 145 10.57 -6.48 -27.31
N PRO C 146 10.99 -5.86 -28.41
CA PRO C 146 11.50 -6.65 -29.54
C PRO C 146 12.66 -7.57 -29.18
N GLU C 147 13.58 -7.11 -28.32
CA GLU C 147 14.69 -7.97 -27.92
C GLU C 147 14.21 -9.24 -27.24
N ASN C 148 13.04 -9.21 -26.62
CA ASN C 148 12.47 -10.38 -25.98
C ASN C 148 11.51 -11.13 -26.87
N ILE C 149 11.50 -10.85 -28.17
CA ILE C 149 10.75 -11.61 -29.16
C ILE C 149 11.77 -12.14 -30.16
N LEU C 150 11.99 -13.45 -30.14
CA LEU C 150 13.01 -14.09 -30.96
C LEU C 150 12.36 -14.94 -32.04
N PHE C 151 13.04 -15.04 -33.19
CA PHE C 151 12.58 -15.88 -34.28
C PHE C 151 13.01 -17.33 -34.05
N VAL C 152 12.10 -18.26 -34.31
CA VAL C 152 12.41 -19.67 -34.10
C VAL C 152 13.56 -20.10 -35.01
N GLN C 153 13.61 -19.54 -36.22
CA GLN C 153 14.75 -19.74 -37.11
C GLN C 153 14.84 -18.53 -38.03
N SER C 154 16.05 -18.00 -38.18
CA SER C 154 16.27 -16.73 -38.88
C SER C 154 16.92 -16.93 -40.24
N ASP C 155 16.51 -17.96 -40.96
CA ASP C 155 16.98 -18.13 -42.34
C ASP C 155 16.28 -17.13 -43.24
N TYR C 156 17.00 -16.63 -44.26
CA TYR C 156 16.49 -15.54 -45.06
C TYR C 156 17.03 -15.64 -46.48
N THR C 157 16.22 -15.18 -47.43
CA THR C 157 16.63 -15.03 -48.81
C THR C 157 16.73 -13.54 -49.15
N GLU C 158 17.41 -13.25 -50.24
CA GLU C 158 17.66 -11.87 -50.64
C GLU C 158 17.10 -11.62 -52.04
N ALA C 159 17.07 -10.32 -52.39
CA ALA C 159 16.62 -9.86 -53.70
C ALA C 159 16.88 -8.36 -53.83
N TYR C 160 17.16 -7.89 -55.04
CA TYR C 160 17.27 -6.46 -55.27
C TYR C 160 15.86 -5.90 -55.41
N ASN C 161 15.38 -5.21 -54.38
CA ASN C 161 14.05 -4.61 -54.41
C ASN C 161 14.14 -3.24 -55.07
N PRO C 162 13.70 -3.10 -56.33
CA PRO C 162 13.88 -1.83 -57.03
C PRO C 162 13.06 -0.69 -56.43
N LYS C 163 11.99 -0.99 -55.69
CA LYS C 163 11.22 0.06 -55.05
C LYS C 163 12.07 0.90 -54.12
N ARG C 166 18.14 -1.08 -53.74
CA ARG C 166 18.91 -1.64 -52.63
C ARG C 166 18.54 -3.11 -52.40
N ASP C 167 19.52 -3.89 -51.93
CA ASP C 167 19.26 -5.28 -51.61
C ASP C 167 18.34 -5.38 -50.39
N GLU C 168 17.66 -6.52 -50.27
CA GLU C 168 16.63 -6.69 -49.27
C GLU C 168 16.64 -8.12 -48.74
N ARG C 169 16.47 -8.26 -47.43
CA ARG C 169 16.43 -9.56 -46.78
C ARG C 169 15.00 -9.86 -46.34
N THR C 170 14.51 -11.04 -46.71
CA THR C 170 13.14 -11.44 -46.40
C THR C 170 13.16 -12.78 -45.68
N LEU C 171 12.28 -12.93 -44.70
CA LEU C 171 12.29 -14.12 -43.86
C LEU C 171 11.60 -15.29 -44.54
N ILE C 172 12.03 -16.49 -44.15
CA ILE C 172 11.45 -17.73 -44.66
C ILE C 172 10.40 -18.29 -43.71
N ASN C 173 10.65 -18.17 -42.40
CA ASN C 173 9.70 -18.63 -41.38
C ASN C 173 9.59 -17.58 -40.29
N PRO C 174 8.46 -16.86 -40.23
CA PRO C 174 8.31 -15.79 -39.24
C PRO C 174 7.86 -16.25 -37.86
N ASP C 175 7.85 -17.55 -37.58
CA ASP C 175 7.44 -18.02 -36.26
C ASP C 175 8.38 -17.49 -35.19
N ILE C 176 7.81 -17.08 -34.06
CA ILE C 176 8.56 -16.43 -32.99
C ILE C 176 8.30 -17.15 -31.67
N LYS C 177 9.05 -16.76 -30.66
CA LYS C 177 8.83 -17.20 -29.29
C LYS C 177 9.12 -16.03 -28.37
N VAL C 178 8.70 -16.16 -27.11
CA VAL C 178 8.87 -15.12 -26.11
C VAL C 178 9.93 -15.57 -25.12
N VAL C 179 10.85 -14.67 -24.76
CA VAL C 179 11.98 -14.99 -23.91
C VAL C 179 12.05 -13.99 -22.76
N ASP C 180 13.04 -14.20 -21.89
CA ASP C 180 13.32 -13.37 -20.73
C ASP C 180 12.14 -13.31 -19.77
N PHE C 181 12.17 -14.13 -18.73
CA PHE C 181 11.13 -14.17 -17.72
C PHE C 181 11.70 -13.89 -16.33
N GLY C 182 12.67 -12.99 -16.27
CA GLY C 182 13.30 -12.65 -15.01
C GLY C 182 12.56 -11.57 -14.25
N SER C 183 11.76 -10.78 -14.95
CA SER C 183 10.95 -9.75 -14.32
C SER C 183 9.49 -10.17 -14.19
N ALA C 184 9.13 -11.35 -14.68
CA ALA C 184 7.75 -11.83 -14.60
C ALA C 184 7.28 -11.88 -13.16
N THR C 185 6.05 -11.42 -12.94
CA THR C 185 5.50 -11.26 -11.59
C THR C 185 4.15 -11.96 -11.49
N TYR C 186 3.94 -12.66 -10.38
CA TYR C 186 2.67 -13.33 -10.14
C TYR C 186 1.65 -12.37 -9.54
N ASP C 187 0.38 -12.78 -9.63
CA ASP C 187 -0.68 -11.96 -9.06
C ASP C 187 -0.52 -11.81 -7.55
N ASP C 188 -0.17 -12.91 -6.87
CA ASP C 188 -0.08 -12.88 -5.43
C ASP C 188 1.12 -12.10 -4.93
N GLU C 189 2.16 -11.92 -5.76
CA GLU C 189 3.38 -11.29 -5.34
C GLU C 189 3.16 -9.82 -4.98
N HIS C 190 4.17 -9.23 -4.35
CA HIS C 190 4.20 -7.81 -4.06
C HIS C 190 4.83 -7.11 -5.26
N HIS C 191 4.03 -6.34 -6.00
CA HIS C 191 4.49 -5.72 -7.22
C HIS C 191 5.31 -4.47 -6.91
N SER C 192 6.50 -4.38 -7.50
CA SER C 192 7.34 -3.21 -7.31
C SER C 192 6.72 -2.01 -8.01
N THR C 193 7.42 -0.88 -7.96
CA THR C 193 6.90 0.37 -8.49
C THR C 193 7.64 0.83 -9.74
N LEU C 194 8.39 -0.06 -10.38
CA LEU C 194 9.03 0.24 -11.65
C LEU C 194 9.27 -1.06 -12.40
N VAL C 195 8.77 -1.15 -13.63
CA VAL C 195 8.94 -2.35 -14.45
C VAL C 195 9.31 -2.03 -15.90
N THR C 197 11.05 -1.47 -19.58
CA THR C 197 11.88 -0.54 -20.33
C THR C 197 11.12 0.77 -20.56
N ARG C 198 11.86 1.88 -20.61
CA ARG C 198 11.21 3.19 -20.69
C ARG C 198 10.30 3.29 -21.90
N HIS C 199 10.79 2.87 -23.07
CA HIS C 199 10.01 3.02 -24.30
C HIS C 199 8.70 2.25 -24.24
N TYR C 200 8.66 1.15 -23.49
CA TYR C 200 7.51 0.25 -23.47
C TYR C 200 6.82 0.23 -22.11
N ARG C 201 6.97 1.29 -21.34
CA ARG C 201 6.42 1.37 -19.99
C ARG C 201 5.00 1.94 -20.07
N ALA C 202 4.07 1.27 -19.40
CA ALA C 202 2.69 1.70 -19.46
C ALA C 202 2.50 2.99 -18.67
N PRO C 203 1.51 3.81 -19.04
CA PRO C 203 1.28 5.07 -18.31
C PRO C 203 0.86 4.85 -16.87
N GLU C 204 0.14 3.77 -16.58
CA GLU C 204 -0.19 3.45 -15.21
C GLU C 204 1.05 3.13 -14.38
N VAL C 205 2.15 2.73 -15.04
CA VAL C 205 3.38 2.45 -14.33
C VAL C 205 4.15 3.73 -14.09
N ILE C 206 4.25 4.58 -15.10
CA ILE C 206 4.94 5.85 -14.96
C ILE C 206 4.32 6.68 -13.85
N LEU C 207 2.99 6.67 -13.76
CA LEU C 207 2.30 7.46 -12.75
C LEU C 207 2.12 6.71 -11.44
N ALA C 208 2.67 5.50 -11.33
CA ALA C 208 2.69 4.74 -10.08
C ALA C 208 1.29 4.49 -9.54
N LEU C 209 0.35 4.18 -10.43
CA LEU C 209 -1.02 3.92 -10.04
C LEU C 209 -1.29 2.44 -9.80
N GLY C 210 -0.28 1.60 -9.94
CA GLY C 210 -0.47 0.17 -9.76
C GLY C 210 -0.64 -0.53 -11.09
N TRP C 211 -0.04 -1.70 -11.26
CA TRP C 211 -0.03 -2.36 -12.55
C TRP C 211 -0.40 -3.83 -12.41
N SER C 212 -0.85 -4.40 -13.52
CA SER C 212 -1.07 -5.83 -13.64
C SER C 212 -1.03 -6.19 -15.12
N GLN C 213 -1.77 -7.23 -15.51
CA GLN C 213 -1.72 -7.71 -16.88
C GLN C 213 -1.87 -6.63 -17.95
N PRO C 214 -2.79 -5.65 -17.83
CA PRO C 214 -2.93 -4.67 -18.91
C PRO C 214 -1.64 -3.94 -19.29
N CYS C 215 -0.66 -3.89 -18.37
CA CYS C 215 0.60 -3.24 -18.72
C CYS C 215 1.39 -4.03 -19.75
N ASP C 216 1.13 -5.34 -19.88
CA ASP C 216 1.72 -6.10 -20.98
C ASP C 216 1.08 -5.74 -22.32
N VAL C 217 -0.21 -5.40 -22.32
CA VAL C 217 -0.91 -5.10 -23.55
C VAL C 217 -0.43 -3.79 -24.14
N TRP C 218 -0.24 -2.78 -23.29
CA TRP C 218 0.38 -1.53 -23.75
C TRP C 218 1.75 -1.81 -24.37
N SER C 219 2.55 -2.67 -23.74
CA SER C 219 3.85 -3.01 -24.28
C SER C 219 3.73 -3.65 -25.67
N ILE C 220 2.82 -4.61 -25.82
CA ILE C 220 2.61 -5.24 -27.11
C ILE C 220 2.11 -4.22 -28.14
N GLY C 221 1.35 -3.22 -27.70
CA GLY C 221 0.93 -2.18 -28.61
C GLY C 221 2.11 -1.38 -29.14
N CYS C 222 3.05 -1.02 -28.27
CA CYS C 222 4.24 -0.32 -28.72
C CYS C 222 5.12 -1.19 -29.59
N ILE C 223 5.02 -2.51 -29.45
CA ILE C 223 5.83 -3.41 -30.27
C ILE C 223 5.32 -3.42 -31.70
N LEU C 224 4.00 -3.52 -31.88
CA LEU C 224 3.46 -3.69 -33.22
C LEU C 224 3.71 -2.46 -34.08
N ILE C 225 3.61 -1.27 -33.49
CA ILE C 225 3.86 -0.06 -34.26
C ILE C 225 5.33 0.02 -34.67
N GLU C 226 6.23 -0.51 -33.85
CA GLU C 226 7.64 -0.55 -34.24
C GLU C 226 7.85 -1.54 -35.37
N TYR C 227 7.13 -2.65 -35.36
CA TYR C 227 7.21 -3.58 -36.48
C TYR C 227 6.69 -2.95 -37.76
N TYR C 228 5.79 -1.98 -37.64
CA TYR C 228 5.16 -1.36 -38.80
C TYR C 228 5.96 -0.19 -39.34
N LEU C 229 6.59 0.57 -38.47
CA LEU C 229 7.36 1.72 -38.90
C LEU C 229 8.85 1.45 -39.00
N GLY C 230 9.34 0.42 -38.32
CA GLY C 230 10.75 0.12 -38.32
C GLY C 230 11.55 0.91 -37.32
N PHE C 231 10.93 1.82 -36.58
CA PHE C 231 11.63 2.59 -35.57
C PHE C 231 10.78 2.69 -34.31
N THR C 232 11.39 3.18 -33.25
CA THR C 232 10.70 3.33 -31.98
C THR C 232 9.78 4.55 -32.01
N VAL C 233 8.66 4.44 -31.31
CA VAL C 233 7.71 5.54 -31.28
C VAL C 233 7.93 6.48 -30.11
N PHE C 234 8.54 5.98 -29.02
CA PHE C 234 8.84 6.79 -27.84
C PHE C 234 10.35 6.76 -27.62
N PRO C 235 11.11 7.53 -28.42
CA PRO C 235 12.56 7.54 -28.23
C PRO C 235 12.98 8.57 -27.20
N THR C 236 13.03 8.20 -25.93
CA THR C 236 13.38 9.13 -24.88
C THR C 236 13.77 8.35 -23.63
N HIS C 237 14.06 9.09 -22.56
CA HIS C 237 14.36 8.51 -21.26
C HIS C 237 13.68 9.31 -20.16
N ASP C 238 13.71 10.64 -20.29
CA ASP C 238 13.07 11.51 -19.33
C ASP C 238 11.57 11.22 -19.26
N SER C 239 11.08 10.97 -18.04
CA SER C 239 9.73 10.44 -17.88
C SER C 239 8.67 11.45 -18.30
N LYS C 240 8.86 12.73 -17.94
CA LYS C 240 7.87 13.72 -18.32
C LYS C 240 7.85 13.94 -19.82
N GLU C 241 9.02 13.82 -20.47
CA GLU C 241 9.06 13.91 -21.93
C GLU C 241 8.28 12.77 -22.56
N HIS C 242 8.36 11.57 -21.97
CA HIS C 242 7.57 10.45 -22.46
C HIS C 242 6.09 10.73 -22.32
N LEU C 243 5.68 11.32 -21.19
CA LEU C 243 4.29 11.69 -21.04
C LEU C 243 3.89 12.76 -22.05
N ALA C 244 4.85 13.59 -22.48
CA ALA C 244 4.54 14.60 -23.49
C ALA C 244 4.42 13.96 -24.86
N MET C 245 5.21 12.93 -25.14
CA MET C 245 5.07 12.20 -26.39
C MET C 245 3.73 11.49 -26.47
N MET C 246 3.22 11.01 -25.34
CA MET C 246 1.95 10.30 -25.34
C MET C 246 0.80 11.23 -25.70
N GLU C 247 0.82 12.46 -25.19
CA GLU C 247 -0.27 13.38 -25.46
C GLU C 247 -0.32 13.80 -26.92
N ARG C 248 0.85 14.05 -27.51
CA ARG C 248 0.89 14.46 -28.92
C ARG C 248 0.41 13.35 -29.84
N ILE C 249 0.54 12.09 -29.42
CA ILE C 249 0.16 10.96 -30.23
C ILE C 249 -1.24 10.46 -29.92
N LEU C 250 -1.62 10.46 -28.64
CA LEU C 250 -2.86 9.82 -28.23
C LEU C 250 -3.84 10.77 -27.57
N GLY C 251 -3.49 12.04 -27.38
CA GLY C 251 -4.38 12.97 -26.74
C GLY C 251 -4.11 13.08 -25.26
N PRO C 252 -4.81 13.97 -24.58
CA PRO C 252 -4.52 14.20 -23.16
C PRO C 252 -4.81 12.99 -22.32
N LEU C 253 -4.04 12.84 -21.26
CA LEU C 253 -4.27 11.77 -20.31
C LEU C 253 -5.64 11.96 -19.66
N PRO C 254 -6.26 10.88 -19.20
CA PRO C 254 -7.56 11.01 -18.52
C PRO C 254 -7.43 11.84 -17.26
N LYS C 255 -8.49 12.58 -16.96
CA LYS C 255 -8.47 13.46 -15.79
C LYS C 255 -8.33 12.69 -14.50
N HIS C 256 -9.04 11.56 -14.38
CA HIS C 256 -9.02 10.82 -13.13
C HIS C 256 -7.66 10.19 -12.86
N MET C 257 -6.92 9.85 -13.91
CA MET C 257 -5.57 9.33 -13.72
C MET C 257 -4.61 10.44 -13.28
N ILE C 258 -4.85 11.68 -13.70
CA ILE C 258 -4.03 12.79 -13.24
C ILE C 258 -4.39 13.15 -11.80
N GLN C 259 -5.68 13.08 -11.45
CA GLN C 259 -6.08 13.39 -10.08
C GLN C 259 -5.61 12.33 -9.10
N LYS C 260 -5.41 11.10 -9.55
CA LYS C 260 -5.06 10.00 -8.66
C LYS C 260 -3.55 9.80 -8.52
N THR C 261 -2.73 10.40 -9.38
CA THR C 261 -1.30 10.13 -9.32
C THR C 261 -0.66 10.86 -8.16
N ARG C 262 0.36 10.21 -7.57
CA ARG C 262 1.16 10.87 -6.55
C ARG C 262 2.28 11.69 -7.16
N LYS C 263 2.78 11.27 -8.32
CA LYS C 263 3.83 12.00 -9.01
C LYS C 263 3.30 13.33 -9.53
N ARG C 264 3.03 14.26 -8.63
CA ARG C 264 2.56 15.58 -9.02
C ARG C 264 3.67 16.46 -9.58
N LYS C 265 4.90 15.95 -9.67
CA LYS C 265 5.98 16.71 -10.28
C LYS C 265 5.72 16.95 -11.75
N TYR C 266 5.02 16.03 -12.41
CA TYR C 266 4.82 16.09 -13.85
C TYR C 266 3.70 17.03 -14.25
N PHE C 267 2.82 17.41 -13.33
CA PHE C 267 1.58 18.07 -13.69
C PHE C 267 1.47 19.44 -13.03
N HIS C 268 0.49 20.20 -13.50
CA HIS C 268 0.19 21.54 -13.01
C HIS C 268 -1.18 21.96 -13.51
N HIS C 269 -2.07 22.35 -12.60
CA HIS C 269 -3.45 22.68 -12.93
C HIS C 269 -4.15 21.51 -13.63
N ASP C 270 -3.87 20.29 -13.16
CA ASP C 270 -4.42 19.07 -13.75
C ASP C 270 -4.07 18.96 -15.24
N ARG C 271 -2.84 19.37 -15.57
CA ARG C 271 -2.35 19.30 -16.94
C ARG C 271 -0.85 19.10 -16.89
N LEU C 272 -0.32 18.50 -17.95
CA LEU C 272 1.11 18.17 -17.99
C LEU C 272 1.94 19.44 -18.07
N ASP C 273 2.89 19.56 -17.15
CA ASP C 273 3.74 20.75 -17.05
C ASP C 273 4.84 20.65 -18.12
N TRP C 274 4.47 21.02 -19.34
CA TRP C 274 5.34 20.88 -20.49
C TRP C 274 5.40 22.19 -21.25
N ASP C 275 6.60 22.60 -21.64
CA ASP C 275 6.79 23.81 -22.44
C ASP C 275 6.89 23.41 -23.91
N GLU C 276 5.92 23.84 -24.71
CA GLU C 276 5.87 23.43 -26.11
C GLU C 276 7.01 24.07 -26.91
N HIS C 277 7.22 25.37 -26.74
CA HIS C 277 8.15 26.13 -27.57
C HIS C 277 9.60 25.98 -27.13
N SER C 278 9.88 25.12 -26.16
CA SER C 278 11.23 25.01 -25.61
C SER C 278 12.11 24.19 -26.55
N SER C 279 13.33 23.91 -26.10
CA SER C 279 14.24 23.08 -26.88
C SER C 279 13.69 21.67 -27.01
N ALA C 280 13.55 20.96 -25.88
CA ALA C 280 13.05 19.59 -25.92
C ALA C 280 11.63 19.53 -26.45
N GLY C 281 10.85 20.60 -26.23
CA GLY C 281 9.47 20.59 -26.71
C GLY C 281 9.39 20.54 -28.22
N ARG C 282 10.20 21.36 -28.90
CA ARG C 282 10.22 21.34 -30.36
C ARG C 282 10.66 19.99 -30.89
N TYR C 283 11.53 19.30 -30.17
CA TYR C 283 11.95 17.96 -30.58
C TYR C 283 10.77 16.99 -30.56
N VAL C 284 9.86 17.16 -29.61
CA VAL C 284 8.72 16.26 -29.52
C VAL C 284 7.70 16.54 -30.62
N SER C 285 7.60 17.81 -31.05
CA SER C 285 6.60 18.17 -32.05
C SER C 285 6.93 17.59 -33.41
N ARG C 286 8.21 17.51 -33.75
CA ARG C 286 8.61 17.05 -35.07
C ARG C 286 8.75 15.54 -35.13
N ALA C 287 8.83 14.87 -33.99
CA ALA C 287 8.98 13.43 -33.96
C ALA C 287 7.69 12.71 -33.64
N CYS C 288 6.60 13.45 -33.37
CA CYS C 288 5.36 12.83 -32.93
C CYS C 288 4.18 13.48 -33.66
N LYS C 289 3.39 12.66 -34.31
CA LYS C 289 2.09 13.00 -34.85
C LYS C 289 1.01 12.25 -34.09
N PRO C 290 -0.26 12.58 -34.31
CA PRO C 290 -1.32 11.69 -33.82
C PRO C 290 -1.15 10.30 -34.39
N LEU C 291 -1.65 9.31 -33.65
CA LEU C 291 -1.34 7.92 -33.95
C LEU C 291 -1.67 7.54 -35.38
N LYS C 292 -2.83 7.98 -35.88
CA LYS C 292 -3.29 7.52 -37.19
C LYS C 292 -2.45 8.11 -38.32
N GLU C 293 -1.86 9.28 -38.10
CA GLU C 293 -1.09 9.93 -39.16
C GLU C 293 0.16 9.16 -39.55
N PHE C 294 0.59 8.19 -38.75
CA PHE C 294 1.75 7.38 -39.09
C PHE C 294 1.46 6.34 -40.16
N MET C 295 0.19 6.13 -40.50
CA MET C 295 -0.17 5.09 -41.48
C MET C 295 0.47 5.37 -42.82
N LEU C 296 0.94 4.31 -43.47
CA LEU C 296 1.61 4.40 -44.76
C LEU C 296 0.70 4.02 -45.93
N SER C 297 -0.53 3.59 -45.66
CA SER C 297 -1.49 3.29 -46.70
C SER C 297 -2.88 3.39 -46.10
N GLN C 298 -3.84 3.73 -46.95
CA GLN C 298 -5.22 3.78 -46.53
C GLN C 298 -5.95 2.48 -46.82
N ASP C 299 -5.23 1.44 -47.22
CA ASP C 299 -5.81 0.12 -47.40
C ASP C 299 -6.47 -0.35 -46.12
N VAL C 300 -7.42 -1.27 -46.26
CA VAL C 300 -8.26 -1.64 -45.10
C VAL C 300 -7.46 -2.46 -44.10
N GLU C 301 -6.58 -3.34 -44.58
CA GLU C 301 -5.80 -4.17 -43.66
C GLU C 301 -4.89 -3.31 -42.81
N HIS C 302 -4.28 -2.28 -43.39
CA HIS C 302 -3.53 -1.32 -42.60
C HIS C 302 -4.40 -0.67 -41.54
N GLU C 303 -5.64 -0.33 -41.89
CA GLU C 303 -6.53 0.34 -40.96
C GLU C 303 -6.90 -0.57 -39.80
N ARG C 304 -7.14 -1.85 -40.08
CA ARG C 304 -7.50 -2.78 -39.02
C ARG C 304 -6.38 -2.89 -37.99
N LEU C 305 -5.12 -2.89 -38.45
CA LEU C 305 -4.01 -2.96 -37.52
C LEU C 305 -3.99 -1.75 -36.59
N PHE C 306 -4.25 -0.57 -37.12
CA PHE C 306 -4.16 0.64 -36.29
C PHE C 306 -5.33 0.76 -35.34
N ASP C 307 -6.48 0.18 -35.68
CA ASP C 307 -7.57 0.13 -34.70
C ASP C 307 -7.19 -0.73 -33.51
N LEU C 308 -6.57 -1.87 -33.77
CA LEU C 308 -6.12 -2.73 -32.68
C LEU C 308 -5.00 -2.07 -31.88
N ILE C 309 -4.07 -1.40 -32.57
CA ILE C 309 -3.01 -0.68 -31.89
C ILE C 309 -3.59 0.44 -31.02
N GLN C 310 -4.59 1.14 -31.53
CA GLN C 310 -5.19 2.22 -30.75
C GLN C 310 -5.93 1.67 -29.54
N LYS C 311 -6.60 0.54 -29.69
CA LYS C 311 -7.24 -0.08 -28.53
C LYS C 311 -6.20 -0.65 -27.58
N MET C 312 -5.04 -1.05 -28.10
CA MET C 312 -3.97 -1.52 -27.23
C MET C 312 -3.37 -0.38 -26.43
N LEU C 313 -3.36 0.83 -26.98
CA LEU C 313 -2.75 1.98 -26.32
C LEU C 313 -3.76 2.83 -25.59
N GLU C 314 -4.82 2.22 -25.06
CA GLU C 314 -5.75 2.96 -24.22
C GLU C 314 -5.07 3.35 -22.92
N TYR C 315 -5.21 4.62 -22.53
CA TYR C 315 -4.58 5.11 -21.31
C TYR C 315 -5.02 4.29 -20.10
N ASP C 316 -6.31 4.31 -19.80
CA ASP C 316 -6.86 3.64 -18.64
C ASP C 316 -6.67 2.12 -18.75
N PRO C 317 -6.01 1.48 -17.78
CA PRO C 317 -5.89 0.02 -17.85
C PRO C 317 -7.23 -0.69 -17.74
N ALA C 318 -8.21 -0.11 -17.04
CA ALA C 318 -9.49 -0.80 -16.89
C ALA C 318 -10.25 -0.87 -18.20
N LYS C 319 -9.99 0.04 -19.12
CA LYS C 319 -10.66 0.03 -20.41
C LYS C 319 -9.80 -0.54 -21.51
N ARG C 320 -8.51 -0.72 -21.27
CA ARG C 320 -7.62 -1.27 -22.27
C ARG C 320 -8.08 -2.67 -22.69
N ILE C 321 -7.85 -3.00 -23.96
CA ILE C 321 -8.25 -4.30 -24.48
C ILE C 321 -7.49 -5.42 -23.77
N THR C 322 -8.10 -6.60 -23.73
CA THR C 322 -7.43 -7.79 -23.25
C THR C 322 -6.86 -8.57 -24.41
N LEU C 323 -5.89 -9.44 -24.10
CA LEU C 323 -5.33 -10.27 -25.16
C LEU C 323 -6.33 -11.34 -25.60
N ARG C 324 -7.23 -11.73 -24.71
CA ARG C 324 -8.32 -12.61 -25.13
C ARG C 324 -9.23 -11.90 -26.12
N GLU C 325 -9.60 -10.65 -25.81
CA GLU C 325 -10.38 -9.85 -26.75
C GLU C 325 -9.62 -9.59 -28.03
N ALA C 326 -8.32 -9.34 -27.93
CA ALA C 326 -7.55 -8.91 -29.09
C ALA C 326 -7.34 -10.04 -30.09
N LEU C 327 -7.34 -11.29 -29.63
CA LEU C 327 -7.12 -12.40 -30.54
C LEU C 327 -8.26 -12.56 -31.54
N LYS C 328 -9.42 -11.98 -31.24
CA LYS C 328 -10.58 -12.09 -32.11
C LYS C 328 -10.72 -10.91 -33.07
N HIS C 329 -9.89 -9.90 -32.92
CA HIS C 329 -9.96 -8.67 -33.71
C HIS C 329 -10.00 -8.98 -35.21
N PRO C 330 -10.63 -8.12 -36.02
CA PRO C 330 -10.67 -8.38 -37.47
C PRO C 330 -9.31 -8.47 -38.13
N PHE C 331 -8.26 -7.88 -37.55
CA PHE C 331 -6.95 -7.89 -38.19
C PHE C 331 -6.40 -9.30 -38.37
N PHE C 332 -6.95 -10.28 -37.65
CA PHE C 332 -6.49 -11.66 -37.73
C PHE C 332 -7.40 -12.55 -38.55
N ASP C 333 -8.40 -11.98 -39.24
CA ASP C 333 -9.32 -12.80 -40.03
C ASP C 333 -8.59 -13.50 -41.17
N LEU C 334 -7.61 -12.84 -41.78
CA LEU C 334 -6.89 -13.41 -42.91
C LEU C 334 -6.13 -14.69 -42.55
N LEU C 335 -6.07 -15.06 -41.28
CA LEU C 335 -5.34 -16.23 -40.84
C LEU C 335 -6.25 -17.39 -40.46
N LYS C 336 -7.55 -17.17 -40.35
CA LYS C 336 -8.48 -18.16 -39.83
C LYS C 336 -9.33 -18.75 -40.97
N LYS C 337 -10.05 -19.82 -40.64
CA LYS C 337 -10.97 -20.47 -41.56
C LYS C 337 -12.39 -20.04 -41.22
N SER C 338 -13.07 -19.42 -42.18
CA SER C 338 -14.42 -18.87 -41.98
C SER C 338 -14.45 -17.91 -40.80
C1 HQB D . -13.37 -20.59 29.66
C2 HQB D . -14.08 -21.38 30.50
C3 HQB D . -14.52 -19.67 31.93
C4 HQB D . -13.81 -18.73 31.14
C5 HQB D . -13.71 -17.38 31.47
C6 HQB D . -13.04 -16.45 30.67
C7 HQB D . -12.45 -16.90 29.47
C8 HQB D . -12.54 -18.29 29.14
C9 HQB D . -11.81 -14.75 28.96
C10 HQB D . -10.71 -14.30 26.82
C11 HQB D . -12.92 -15.05 30.89
O1 HQB D . -11.26 -19.77 27.97
N1 HQB D . -11.92 -18.75 27.92
O HQB D . -12.12 -18.12 26.90
C HQB D . -13.22 -19.21 29.94
N2 HQB D . -11.82 -16.04 28.61
N3 HQB D . -11.27 -13.90 28.09
N4 HQB D . -12.32 -14.22 30.07
N HQB D . -14.65 -20.95 31.64
K K E . -5.23 6.24 19.90
C1 HQB F . 3.73 30.05 -0.34
C2 HQB F . 4.23 31.31 -0.45
C3 HQB F . 3.68 31.86 1.69
C4 HQB F . 3.12 30.58 1.94
C5 HQB F . 2.57 30.23 3.17
C6 HQB F . 2.03 28.97 3.43
C7 HQB F . 2.07 27.99 2.40
C8 HQB F . 2.65 28.34 1.14
C9 HQB F . 1.07 26.46 3.79
C10 HQB F . 0.64 24.20 2.96
C11 HQB F . 1.46 28.50 4.65
O1 HQB F . 1.69 26.67 -0.11
N1 HQB F . 2.70 27.34 0.10
O HQB F . 3.73 27.18 -0.52
C HQB F . 3.16 29.63 0.89
N2 HQB F . 1.58 26.74 2.59
N3 HQB F . 0.61 25.22 3.98
N4 HQB F . 0.99 27.29 4.83
N HQB F . 4.21 32.22 0.54
C1 HQB G . 19.07 -17.01 -28.24
C2 HQB G . 18.93 -18.19 -28.90
C3 HQB G . 17.74 -19.13 -27.20
C4 HQB G . 17.81 -17.96 -26.42
C5 HQB G . 17.22 -17.85 -25.15
C6 HQB G . 17.24 -16.68 -24.39
C7 HQB G . 17.93 -15.56 -24.90
C8 HQB G . 18.59 -15.68 -26.17
C9 HQB G . 17.29 -14.31 -23.09
C10 HQB G . 17.96 -11.95 -22.97
C11 HQB G . 16.59 -16.45 -23.16
O1 HQB G . 19.19 -14.27 -27.89
N1 HQB G . 19.32 -14.53 -26.70
O HQB G . 20.03 -13.90 -25.94
C HQB G . 18.52 -16.85 -26.95
N2 HQB G . 17.96 -14.36 -24.25
N3 HQB G . 17.29 -13.13 -22.46
N4 HQB G . 16.60 -15.30 -22.50
N HQB G . 18.27 -19.25 -28.40
#